data_1QV7
#
_entry.id   1QV7
#
_cell.length_a   44.050
_cell.length_b   50.962
_cell.length_c   92.466
_cell.angle_alpha   91.61
_cell.angle_beta   103.03
_cell.angle_gamma   109.86
#
_symmetry.space_group_name_H-M   'P 1'
#
loop_
_entity.id
_entity.type
_entity.pdbx_description
1 polymer 'Alcohol dehydrogenase E chain'
2 non-polymer 'ZINC ION'
3 non-polymer NICOTINAMIDE-ADENINE-DINUCLEOTIDE
4 non-polymer '2,3-DIFLUOROBENZYL ALCOHOL'
5 water water
#
_entity_poly.entity_id   1
_entity_poly.type   'polypeptide(L)'
_entity_poly.pdbx_seq_one_letter_code
;STAGKVIKCKAAVLWEEKKPFSIEEVEVAPPKAHEVRIKMVATGICRSDDQVVSGTLVTPLPVIAGHEAAGIVESIGEGV
TTVRPGDKVIPLFTPQCGKCRVCKHPEGNFCLKNDLSMPRGTMQDGTSRFTCRGKPIHHFLGTSTFSQYTVVDEISVAKI
DAASPLEKVCLIGCGFSTGYGSAVKVAKVTQGSTCAVFGLGGVGLSVIMGCKAAGAARIIGVDINKDRFAKAKEVGATEC
VNPQDYKKPIQEVLTEMSNGGVDFSFEVIGRLDTMVTALSCCQEAYGVSVIVGVPPDSQNLSMNPMLLLSGRTWKGAIFG
GFKSKDSVPKLVADFMAKKFALDPLITHVLPFEKINEGFDLLRSGESIRTILTF
;
_entity_poly.pdbx_strand_id   A,B
#
# COMPACT_ATOMS: atom_id res chain seq x y z
N SER A 1 8.83 -46.51 21.32
CA SER A 1 9.42 -47.45 20.29
C SER A 1 10.27 -46.70 19.26
N THR A 2 9.65 -45.84 18.45
CA THR A 2 10.45 -45.05 17.51
C THR A 2 11.10 -43.82 18.12
N ALA A 3 10.70 -43.46 19.32
CA ALA A 3 11.25 -42.27 19.97
C ALA A 3 12.75 -42.42 20.13
N GLY A 4 13.47 -41.37 19.76
CA GLY A 4 14.91 -41.32 19.88
C GLY A 4 15.66 -42.04 18.80
N LYS A 5 14.94 -42.62 17.85
CA LYS A 5 15.55 -43.38 16.78
C LYS A 5 15.23 -42.80 15.43
N VAL A 6 16.08 -43.13 14.47
CA VAL A 6 15.85 -42.76 13.11
C VAL A 6 14.65 -43.55 12.57
N ILE A 7 13.75 -42.85 11.88
CA ILE A 7 12.66 -43.50 11.23
C ILE A 7 12.91 -43.55 9.74
N LYS A 8 12.75 -44.74 9.16
CA LYS A 8 12.77 -44.88 7.71
C LYS A 8 11.33 -44.87 7.27
N CYS A 9 11.01 -44.05 6.27
CA CYS A 9 9.65 -43.94 5.76
C CYS A 9 9.69 -43.51 4.32
N LYS A 10 8.55 -43.43 3.63
CA LYS A 10 8.51 -42.93 2.29
C LYS A 10 8.30 -41.40 2.29
N ALA A 11 8.91 -40.75 1.32
CA ALA A 11 8.71 -39.35 1.11
C ALA A 11 8.77 -39.07 -0.39
N ALA A 12 8.17 -37.96 -0.78
CA ALA A 12 8.23 -37.48 -2.12
C ALA A 12 9.41 -36.51 -2.20
N VAL A 13 10.47 -36.96 -2.84
CA VAL A 13 11.70 -36.17 -2.98
C VAL A 13 11.71 -35.47 -4.34
N LEU A 14 12.10 -34.22 -4.37
CA LEU A 14 12.23 -33.51 -5.62
C LEU A 14 13.74 -33.27 -5.79
N TRP A 15 14.33 -34.05 -6.70
CA TRP A 15 15.79 -34.04 -6.92
C TRP A 15 16.22 -32.93 -7.87
N GLU A 16 15.31 -32.50 -8.72
CA GLU A 16 15.58 -31.57 -9.81
C GLU A 16 14.34 -30.81 -10.24
N GLU A 17 14.51 -29.60 -10.75
CA GLU A 17 13.38 -28.80 -11.23
C GLU A 17 12.72 -29.46 -12.42
N LYS A 18 11.43 -29.21 -12.58
CA LYS A 18 10.65 -29.70 -13.71
C LYS A 18 10.64 -31.21 -13.83
N LYS A 19 10.90 -31.90 -12.73
CA LYS A 19 10.86 -33.35 -12.77
C LYS A 19 9.73 -33.82 -11.84
N PRO A 20 9.18 -35.00 -12.14
CA PRO A 20 8.23 -35.61 -11.22
C PRO A 20 8.88 -35.83 -9.86
N PHE A 21 8.04 -35.88 -8.84
CA PHE A 21 8.52 -36.29 -7.55
C PHE A 21 8.87 -37.76 -7.57
N SER A 22 9.83 -38.11 -6.73
CA SER A 22 10.28 -39.46 -6.67
C SER A 22 9.92 -39.98 -5.32
N ILE A 23 8.95 -40.89 -5.29
CA ILE A 23 8.49 -41.42 -4.03
C ILE A 23 9.47 -42.48 -3.60
N GLU A 24 10.20 -42.26 -2.52
CA GLU A 24 11.18 -43.26 -2.08
C GLU A 24 11.51 -43.18 -0.61
N GLU A 25 12.31 -44.14 -0.17
CA GLU A 25 12.67 -44.24 1.22
C GLU A 25 13.59 -43.13 1.62
N VAL A 26 13.29 -42.50 2.77
CA VAL A 26 14.17 -41.49 3.32
C VAL A 26 14.33 -41.84 4.78
N GLU A 27 15.39 -41.33 5.40
CA GLU A 27 15.63 -41.49 6.81
C GLU A 27 15.34 -40.14 7.47
N VAL A 28 14.54 -40.19 8.53
CA VAL A 28 14.13 -39.05 9.32
C VAL A 28 14.71 -39.18 10.71
N ALA A 29 15.62 -38.28 11.00
CA ALA A 29 16.27 -38.19 12.28
C ALA A 29 15.30 -37.85 13.36
N PRO A 30 15.62 -38.26 14.57
CA PRO A 30 14.84 -37.92 15.76
C PRO A 30 14.91 -36.43 16.02
N PRO A 31 13.90 -35.86 16.69
CA PRO A 31 13.90 -34.43 16.93
C PRO A 31 14.94 -33.98 17.94
N LYS A 32 15.64 -32.91 17.62
CA LYS A 32 16.55 -32.33 18.62
C LYS A 32 15.79 -31.42 19.56
N ALA A 33 16.56 -30.71 20.38
CA ALA A 33 15.95 -29.80 21.33
C ALA A 33 14.99 -28.86 20.60
N HIS A 34 13.80 -28.70 21.16
CA HIS A 34 12.77 -27.78 20.63
C HIS A 34 12.29 -28.14 19.23
N GLU A 35 12.42 -29.41 18.90
CA GLU A 35 11.85 -29.93 17.65
C GLU A 35 10.84 -31.00 17.91
N VAL A 36 10.05 -31.26 16.87
CA VAL A 36 8.90 -32.12 16.98
C VAL A 36 8.85 -32.96 15.76
N ARG A 37 8.76 -34.27 15.97
CA ARG A 37 8.60 -35.21 14.87
C ARG A 37 7.12 -35.61 14.69
N ILE A 38 6.61 -35.46 13.47
CA ILE A 38 5.21 -35.67 13.14
C ILE A 38 4.95 -36.72 12.09
N LYS A 39 4.00 -37.59 12.35
CA LYS A 39 3.49 -38.56 11.37
C LYS A 39 2.39 -37.82 10.64
N MET A 40 2.52 -37.75 9.35
CA MET A 40 1.64 -36.98 8.50
C MET A 40 0.39 -37.81 8.26
N VAL A 41 -0.74 -37.15 8.34
CA VAL A 41 -2.00 -37.78 8.05
C VAL A 41 -2.55 -37.34 6.74
N ALA A 42 -2.51 -36.05 6.45
CA ALA A 42 -2.98 -35.57 5.17
C ALA A 42 -2.21 -34.34 4.80
N THR A 43 -2.09 -34.10 3.50
CA THR A 43 -1.41 -32.90 3.01
C THR A 43 -1.98 -32.40 1.72
N GLY A 44 -2.13 -31.10 1.60
CA GLY A 44 -2.70 -30.52 0.40
C GLY A 44 -1.66 -30.27 -0.70
N ILE A 45 -2.08 -30.28 -1.95
CA ILE A 45 -1.22 -29.83 -3.03
C ILE A 45 -1.55 -28.39 -3.33
N CYS A 46 -0.60 -27.49 -3.05
CA CYS A 46 -0.76 -26.04 -3.20
C CYS A 46 0.04 -25.56 -4.40
N ARG A 47 -0.49 -24.54 -5.03
CA ARG A 47 0.22 -23.99 -6.20
C ARG A 47 1.65 -23.68 -5.87
N SER A 48 1.94 -23.20 -4.65
CA SER A 48 3.31 -22.92 -4.29
C SER A 48 4.24 -24.10 -4.40
N ASP A 49 3.73 -25.30 -4.09
CA ASP A 49 4.58 -26.48 -4.15
C ASP A 49 4.93 -26.70 -5.64
N ASP A 50 3.99 -26.45 -6.50
CA ASP A 50 4.24 -26.56 -7.93
C ASP A 50 5.24 -25.50 -8.45
N GLN A 51 5.21 -24.30 -7.86
CA GLN A 51 6.12 -23.22 -8.23
C GLN A 51 7.53 -23.63 -7.88
N VAL A 52 7.72 -24.44 -6.83
CA VAL A 52 9.00 -24.99 -6.47
C VAL A 52 9.43 -25.94 -7.61
N VAL A 53 8.49 -26.72 -8.12
CA VAL A 53 8.85 -27.66 -9.20
C VAL A 53 9.20 -26.86 -10.47
N SER A 54 8.44 -25.81 -10.74
CA SER A 54 8.65 -25.01 -11.94
C SER A 54 9.90 -24.16 -11.86
N GLY A 55 10.33 -23.93 -10.64
CA GLY A 55 11.51 -23.13 -10.38
C GLY A 55 11.17 -21.65 -10.31
N THR A 56 9.90 -21.27 -10.21
CA THR A 56 9.57 -19.84 -10.08
C THR A 56 9.59 -19.42 -8.63
N LEU A 57 9.46 -20.41 -7.76
CA LEU A 57 9.67 -20.20 -6.35
C LEU A 57 10.95 -20.95 -6.09
N VAL A 58 11.98 -20.25 -5.63
CA VAL A 58 13.29 -20.80 -5.47
C VAL A 58 13.57 -21.19 -4.00
N THR A 59 13.97 -22.44 -3.83
CA THR A 59 14.40 -22.93 -2.56
C THR A 59 15.41 -24.01 -2.91
N PRO A 60 16.38 -24.27 -2.04
CA PRO A 60 17.44 -25.25 -2.32
C PRO A 60 16.95 -26.67 -2.60
N LEU A 61 17.49 -27.28 -3.66
CA LEU A 61 17.20 -28.67 -4.04
C LEU A 61 18.41 -29.52 -3.73
N PRO A 62 18.24 -30.82 -3.49
CA PRO A 62 16.95 -31.52 -3.57
C PRO A 62 16.15 -31.21 -2.34
N VAL A 63 14.85 -31.41 -2.38
CA VAL A 63 13.99 -30.99 -1.29
C VAL A 63 12.79 -31.94 -1.10
N ILE A 64 12.30 -31.99 0.13
CA ILE A 64 10.97 -32.55 0.41
C ILE A 64 10.07 -31.33 0.55
N ALA A 65 9.22 -31.12 -0.42
CA ALA A 65 8.30 -29.98 -0.40
C ALA A 65 7.05 -30.32 0.41
N GLY A 66 6.01 -29.50 0.29
CA GLY A 66 4.77 -29.71 1.01
C GLY A 66 4.79 -28.77 2.20
N HIS A 67 3.74 -28.00 2.31
CA HIS A 67 3.65 -27.13 3.45
C HIS A 67 2.25 -27.01 4.03
N GLU A 68 1.22 -27.64 3.43
CA GLU A 68 -0.21 -27.53 3.89
C GLU A 68 -0.62 -28.91 4.33
N ALA A 69 -0.62 -29.15 5.61
CA ALA A 69 -0.76 -30.52 6.14
C ALA A 69 -1.25 -30.57 7.56
N ALA A 70 -1.66 -31.75 8.01
CA ALA A 70 -2.05 -32.01 9.37
C ALA A 70 -1.53 -33.36 9.72
N GLY A 71 -1.23 -33.52 11.00
CA GLY A 71 -0.66 -34.80 11.40
C GLY A 71 -0.74 -35.02 12.87
N ILE A 72 -0.04 -36.05 13.34
CA ILE A 72 0.00 -36.43 14.75
C ILE A 72 1.43 -36.51 15.25
N VAL A 73 1.71 -35.89 16.39
CA VAL A 73 3.03 -35.87 16.96
C VAL A 73 3.48 -37.28 17.27
N GLU A 74 4.58 -37.67 16.68
CA GLU A 74 5.20 -38.97 17.01
C GLU A 74 6.09 -38.85 18.24
N SER A 75 6.93 -37.83 18.29
CA SER A 75 7.79 -37.59 19.46
C SER A 75 8.22 -36.13 19.52
N ILE A 76 8.69 -35.73 20.69
CA ILE A 76 9.23 -34.41 20.95
C ILE A 76 10.64 -34.42 21.44
N GLY A 77 11.33 -33.36 21.08
CA GLY A 77 12.70 -33.17 21.45
C GLY A 77 12.72 -32.56 22.84
N GLU A 78 13.91 -32.51 23.37
CA GLU A 78 14.12 -31.95 24.68
C GLU A 78 13.58 -30.50 24.72
N GLY A 79 12.80 -30.14 25.71
CA GLY A 79 12.42 -28.75 25.88
C GLY A 79 11.07 -28.29 25.37
N VAL A 80 10.45 -29.13 24.52
CA VAL A 80 9.14 -28.83 23.96
C VAL A 80 8.08 -28.84 25.02
N THR A 81 7.26 -27.81 24.99
CA THR A 81 6.23 -27.62 25.97
C THR A 81 4.87 -27.43 25.42
N THR A 82 4.73 -27.19 24.11
CA THR A 82 3.46 -26.83 23.53
C THR A 82 2.73 -27.97 22.86
N VAL A 83 3.41 -29.08 22.57
CA VAL A 83 2.73 -30.24 22.03
C VAL A 83 3.29 -31.49 22.73
N ARG A 84 2.55 -32.59 22.68
CA ARG A 84 3.04 -33.86 23.18
C ARG A 84 2.73 -34.97 22.17
N PRO A 85 3.41 -36.08 22.28
CA PRO A 85 3.13 -37.21 21.40
C PRO A 85 1.64 -37.53 21.46
N GLY A 86 1.09 -37.88 20.30
CA GLY A 86 -0.33 -38.11 20.17
C GLY A 86 -1.20 -36.89 19.89
N ASP A 87 -0.66 -35.69 20.03
CA ASP A 87 -1.45 -34.51 19.74
C ASP A 87 -1.67 -34.32 18.21
N LYS A 88 -2.83 -33.84 17.83
CA LYS A 88 -3.05 -33.45 16.45
C LYS A 88 -2.44 -32.08 16.22
N VAL A 89 -1.81 -31.93 15.06
CA VAL A 89 -1.07 -30.71 14.74
C VAL A 89 -1.02 -30.32 13.29
N ILE A 90 -0.87 -29.02 13.09
CA ILE A 90 -0.71 -28.44 11.81
C ILE A 90 0.62 -27.73 11.80
N PRO A 91 1.52 -28.15 10.92
CA PRO A 91 2.81 -27.46 10.75
C PRO A 91 2.62 -26.07 10.15
N LEU A 92 3.41 -25.12 10.61
CA LEU A 92 3.27 -23.71 10.21
C LEU A 92 4.40 -23.22 9.32
N PHE A 93 4.08 -22.95 8.04
CA PHE A 93 5.12 -22.50 7.08
C PHE A 93 5.62 -21.11 7.38
N THR A 94 4.80 -20.33 8.10
CA THR A 94 5.24 -19.12 8.78
C THR A 94 5.26 -19.41 10.25
N PRO A 95 6.43 -19.41 10.86
CA PRO A 95 6.55 -19.71 12.30
C PRO A 95 6.00 -18.56 13.09
N GLN A 96 6.01 -18.77 14.40
CA GLN A 96 5.64 -17.76 15.38
C GLN A 96 6.55 -18.02 16.58
N CYS A 97 7.73 -17.41 16.57
CA CYS A 97 8.71 -17.59 17.62
C CYS A 97 8.19 -16.90 18.86
N GLY A 98 7.38 -15.88 18.69
CA GLY A 98 6.83 -15.20 19.86
C GLY A 98 7.74 -14.21 20.54
N LYS A 99 8.97 -14.10 20.06
CA LYS A 99 9.96 -13.27 20.69
C LYS A 99 10.48 -12.10 19.85
N CYS A 100 10.49 -12.23 18.53
CA CYS A 100 10.99 -11.20 17.66
C CYS A 100 10.11 -9.97 17.56
N ARG A 101 10.64 -8.94 16.91
CA ARG A 101 9.93 -7.67 16.82
C ARG A 101 8.58 -7.82 16.12
N VAL A 102 8.55 -8.67 15.11
CA VAL A 102 7.33 -8.93 14.39
C VAL A 102 6.36 -9.69 15.24
N CYS A 103 6.78 -10.77 15.91
CA CYS A 103 5.82 -11.54 16.73
C CYS A 103 5.18 -10.66 17.83
N LYS A 104 5.92 -9.69 18.33
CA LYS A 104 5.44 -8.78 19.37
C LYS A 104 4.65 -7.62 18.80
N HIS A 105 4.67 -7.42 17.50
CA HIS A 105 3.86 -6.35 16.93
C HIS A 105 2.37 -6.75 16.80
N PRO A 106 1.42 -5.88 17.14
CA PRO A 106 0.01 -6.25 17.05
C PRO A 106 -0.47 -6.65 15.66
N GLU A 107 0.17 -6.21 14.60
CA GLU A 107 -0.32 -6.55 13.28
C GLU A 107 0.55 -7.56 12.53
N GLY A 108 1.86 -7.53 12.73
CA GLY A 108 2.75 -8.33 11.89
C GLY A 108 2.63 -9.82 12.13
N ASN A 109 2.89 -10.64 11.12
CA ASN A 109 2.87 -12.08 11.35
C ASN A 109 4.06 -12.77 10.68
N PHE A 110 4.89 -12.01 9.95
CA PHE A 110 6.03 -12.59 9.17
C PHE A 110 7.24 -12.67 10.04
N CYS A 111 7.16 -13.62 10.95
CA CYS A 111 8.24 -13.87 11.93
C CYS A 111 9.64 -13.90 11.31
N LEU A 112 10.59 -13.30 12.03
CA LEU A 112 11.94 -13.17 11.56
C LEU A 112 12.65 -14.53 11.50
N LYS A 113 12.05 -15.58 12.06
CA LYS A 113 12.61 -16.96 11.95
C LYS A 113 12.14 -17.73 10.72
N ASN A 114 11.29 -17.09 9.91
CA ASN A 114 10.82 -17.69 8.66
C ASN A 114 11.95 -18.14 7.76
N ASP A 115 11.68 -19.15 6.96
CA ASP A 115 12.65 -19.61 5.99
C ASP A 115 12.19 -19.24 4.59
N LEU A 116 11.42 -18.16 4.50
CA LEU A 116 10.82 -17.75 3.24
C LEU A 116 11.59 -16.67 2.52
N SER A 117 12.10 -15.68 3.24
CA SER A 117 12.83 -14.55 2.66
C SER A 117 14.17 -14.93 2.02
N MET A 118 14.97 -15.69 2.74
CA MET A 118 16.26 -16.14 2.23
C MET A 118 16.34 -17.61 2.52
N PRO A 119 15.60 -18.41 1.77
CA PRO A 119 15.40 -19.82 2.12
C PRO A 119 16.69 -20.58 2.21
N ARG A 120 16.90 -21.24 3.33
CA ARG A 120 18.07 -22.09 3.55
C ARG A 120 17.71 -23.56 3.34
N GLY A 121 16.43 -23.90 3.42
CA GLY A 121 16.03 -25.29 3.33
C GLY A 121 16.54 -26.17 4.48
N THR A 122 16.64 -25.60 5.67
CA THR A 122 17.06 -26.38 6.82
C THR A 122 16.13 -26.19 7.99
N MET A 123 16.43 -26.86 9.08
CA MET A 123 15.81 -26.58 10.38
C MET A 123 16.38 -25.29 10.91
N GLN A 124 15.82 -24.78 12.01
CA GLN A 124 16.36 -23.53 12.54
C GLN A 124 17.84 -23.61 12.83
N ASP A 125 18.37 -24.78 13.21
CA ASP A 125 19.81 -24.88 13.55
C ASP A 125 20.73 -24.98 12.33
N GLY A 126 20.15 -24.85 11.15
CA GLY A 126 20.92 -24.83 9.95
C GLY A 126 21.32 -26.21 9.45
N THR A 127 20.74 -27.26 10.01
CA THR A 127 20.99 -28.58 9.43
C THR A 127 19.69 -29.25 8.97
N SER A 128 19.82 -30.42 8.32
CA SER A 128 18.67 -31.22 7.84
C SER A 128 18.39 -32.47 8.67
N ARG A 129 17.14 -32.90 8.69
CA ARG A 129 16.74 -34.10 9.42
C ARG A 129 16.50 -35.22 8.44
N PHE A 130 16.73 -34.97 7.17
CA PHE A 130 16.38 -35.91 6.15
C PHE A 130 17.61 -36.40 5.37
N THR A 131 17.60 -37.69 5.11
CA THR A 131 18.62 -38.33 4.32
C THR A 131 17.93 -39.23 3.34
N CYS A 132 18.44 -39.25 2.09
CA CYS A 132 17.95 -40.12 1.05
C CYS A 132 19.12 -40.52 0.19
N ARG A 133 19.22 -41.83 -0.08
CA ARG A 133 20.29 -42.39 -0.90
C ARG A 133 21.61 -41.98 -0.25
N GLY A 134 21.60 -41.82 1.08
CA GLY A 134 22.77 -41.36 1.78
C GLY A 134 23.08 -39.88 1.66
N LYS A 135 22.26 -39.11 0.98
CA LYS A 135 22.53 -37.69 0.82
C LYS A 135 21.53 -36.86 1.65
N PRO A 136 21.99 -35.77 2.23
CA PRO A 136 21.10 -34.80 2.90
C PRO A 136 20.08 -34.20 1.95
N ILE A 137 18.84 -34.09 2.42
CA ILE A 137 17.77 -33.53 1.68
C ILE A 137 17.29 -32.26 2.40
N HIS A 138 17.11 -31.23 1.64
CA HIS A 138 16.60 -29.99 2.23
C HIS A 138 15.13 -30.08 2.69
N HIS A 139 14.82 -29.24 3.69
CA HIS A 139 13.45 -28.98 4.11
C HIS A 139 12.90 -27.85 3.30
N PHE A 140 11.57 -27.60 3.38
CA PHE A 140 10.94 -26.50 2.69
C PHE A 140 10.12 -25.73 3.69
N LEU A 141 10.45 -24.45 3.84
CA LEU A 141 9.79 -23.50 4.72
C LEU A 141 9.62 -24.06 6.11
N GLY A 142 10.57 -24.89 6.53
CA GLY A 142 10.52 -25.41 7.86
C GLY A 142 9.44 -26.43 8.07
N THR A 143 8.82 -26.97 6.99
CA THR A 143 7.70 -27.88 7.13
C THR A 143 7.90 -29.25 6.44
N SER A 144 8.15 -29.29 5.17
CA SER A 144 8.36 -30.55 4.43
C SER A 144 7.28 -31.60 4.77
N THR A 145 6.10 -31.44 4.21
CA THR A 145 4.98 -32.30 4.55
C THR A 145 4.76 -33.39 3.55
N PHE A 146 5.61 -33.48 2.50
CA PHE A 146 5.45 -34.55 1.52
C PHE A 146 6.29 -35.75 1.99
N SER A 147 6.01 -36.21 3.19
CA SER A 147 6.71 -37.29 3.84
C SER A 147 5.83 -37.91 4.92
N GLN A 148 5.90 -39.22 5.06
CA GLN A 148 5.16 -39.90 6.12
C GLN A 148 5.51 -39.37 7.49
N TYR A 149 6.74 -38.87 7.67
CA TYR A 149 7.18 -38.28 8.93
C TYR A 149 8.03 -37.05 8.60
N THR A 150 7.88 -35.98 9.36
CA THR A 150 8.75 -34.84 9.18
C THR A 150 9.13 -34.37 10.53
N VAL A 151 10.12 -33.51 10.58
CA VAL A 151 10.55 -32.91 11.80
C VAL A 151 10.45 -31.40 11.65
N VAL A 152 9.88 -30.73 12.64
CA VAL A 152 9.70 -29.30 12.56
C VAL A 152 10.06 -28.69 13.87
N ASP A 153 10.48 -27.45 13.79
CA ASP A 153 10.82 -26.68 14.94
C ASP A 153 9.51 -26.39 15.65
N GLU A 154 9.62 -26.26 16.96
CA GLU A 154 8.46 -26.07 17.79
C GLU A 154 7.70 -24.80 17.38
N ILE A 155 8.42 -23.78 16.98
CA ILE A 155 7.79 -22.51 16.61
C ILE A 155 7.01 -22.63 15.32
N SER A 156 7.10 -23.79 14.68
CA SER A 156 6.46 -24.04 13.38
C SER A 156 5.44 -25.13 13.45
N VAL A 157 4.85 -25.33 14.61
CA VAL A 157 3.83 -26.31 14.74
C VAL A 157 2.82 -25.81 15.77
N ALA A 158 1.57 -26.09 15.49
CA ALA A 158 0.49 -25.70 16.36
C ALA A 158 -0.36 -26.91 16.71
N LYS A 159 -0.67 -27.05 17.98
CA LYS A 159 -1.55 -28.09 18.48
C LYS A 159 -3.02 -27.68 18.20
N ILE A 160 -3.78 -28.58 17.58
CA ILE A 160 -5.19 -28.38 17.30
C ILE A 160 -6.11 -29.38 18.04
N ASP A 161 -7.42 -29.11 18.03
CA ASP A 161 -8.45 -29.92 18.70
C ASP A 161 -8.28 -31.41 18.43
N ALA A 162 -8.37 -32.21 19.48
CA ALA A 162 -8.16 -33.64 19.34
C ALA A 162 -9.18 -34.35 18.48
N ALA A 163 -10.32 -33.73 18.27
CA ALA A 163 -11.35 -34.35 17.45
C ALA A 163 -11.39 -33.85 16.00
N SER A 164 -10.36 -33.10 15.56
CA SER A 164 -10.34 -32.51 14.23
C SER A 164 -10.20 -33.52 13.10
N PRO A 165 -10.99 -33.34 12.04
CA PRO A 165 -10.81 -34.16 10.82
C PRO A 165 -9.60 -33.67 10.01
N LEU A 166 -8.46 -34.34 10.23
CA LEU A 166 -7.21 -33.90 9.62
C LEU A 166 -7.22 -33.82 8.10
N GLU A 167 -8.06 -34.62 7.45
CA GLU A 167 -8.14 -34.58 5.97
C GLU A 167 -8.83 -33.33 5.40
N LYS A 168 -9.44 -32.54 6.27
CA LYS A 168 -10.03 -31.28 5.86
C LYS A 168 -9.26 -30.10 6.42
N VAL A 169 -8.91 -30.17 7.70
CA VAL A 169 -8.25 -29.05 8.33
C VAL A 169 -6.82 -28.73 7.86
N CYS A 170 -6.18 -29.61 7.08
CA CYS A 170 -4.86 -29.31 6.61
C CYS A 170 -4.92 -28.01 5.83
N LEU A 171 -6.06 -27.71 5.17
CA LEU A 171 -6.23 -26.50 4.40
C LEU A 171 -6.08 -25.23 5.24
N ILE A 172 -6.28 -25.35 6.53
CA ILE A 172 -6.09 -24.23 7.41
C ILE A 172 -4.62 -23.96 7.51
N GLY A 173 -3.79 -24.94 7.12
CA GLY A 173 -2.37 -24.79 7.16
C GLY A 173 -1.82 -23.96 6.05
N CYS A 174 -2.64 -23.69 5.04
CA CYS A 174 -2.23 -22.76 4.03
C CYS A 174 -3.37 -22.06 3.32
N GLY A 175 -3.93 -22.73 2.34
CA GLY A 175 -4.88 -22.11 1.43
C GLY A 175 -6.05 -21.35 2.01
N PHE A 176 -6.83 -22.03 2.85
CA PHE A 176 -7.99 -21.39 3.42
C PHE A 176 -7.57 -20.18 4.20
N SER A 177 -6.68 -20.37 5.12
CA SER A 177 -6.40 -19.29 6.09
C SER A 177 -5.81 -18.08 5.35
N THR A 178 -5.04 -18.35 4.31
CA THR A 178 -4.37 -17.28 3.58
C THR A 178 -5.45 -16.42 2.90
N GLY A 179 -6.38 -17.08 2.20
CA GLY A 179 -7.38 -16.31 1.48
C GLY A 179 -8.33 -15.60 2.40
N TYR A 180 -8.83 -16.33 3.40
CA TYR A 180 -9.78 -15.82 4.32
C TYR A 180 -9.17 -14.65 5.04
N GLY A 181 -7.95 -14.80 5.54
CA GLY A 181 -7.33 -13.73 6.29
C GLY A 181 -6.99 -12.51 5.42
N SER A 182 -6.68 -12.75 4.13
CA SER A 182 -6.38 -11.64 3.23
C SER A 182 -7.60 -10.69 3.18
N ALA A 183 -8.80 -11.26 3.26
CA ALA A 183 -10.05 -10.51 3.21
C ALA A 183 -10.36 -9.88 4.54
N VAL A 184 -10.42 -10.71 5.56
CA VAL A 184 -10.88 -10.22 6.85
C VAL A 184 -9.83 -9.53 7.73
N LYS A 185 -8.57 -9.85 7.57
CA LYS A 185 -7.55 -9.28 8.44
C LYS A 185 -6.67 -8.27 7.73
N VAL A 186 -6.30 -8.53 6.49
CA VAL A 186 -5.36 -7.70 5.77
C VAL A 186 -6.07 -6.55 5.07
N ALA A 187 -7.01 -6.88 4.22
CA ALA A 187 -7.79 -5.86 3.53
C ALA A 187 -8.74 -5.20 4.49
N LYS A 188 -9.27 -5.96 5.45
CA LYS A 188 -10.31 -5.56 6.36
C LYS A 188 -11.52 -5.15 5.56
N VAL A 189 -11.97 -6.04 4.69
CA VAL A 189 -13.16 -5.80 3.88
C VAL A 189 -14.34 -5.31 4.76
N THR A 190 -15.02 -4.27 4.29
CA THR A 190 -16.16 -3.70 5.04
C THR A 190 -17.53 -4.12 4.53
N GLN A 191 -18.51 -4.03 5.42
CA GLN A 191 -19.88 -4.36 5.08
C GLN A 191 -20.39 -3.41 3.97
N GLY A 192 -20.96 -3.98 2.91
CA GLY A 192 -21.53 -3.23 1.78
C GLY A 192 -20.57 -2.91 0.66
N SER A 193 -19.31 -3.36 0.79
CA SER A 193 -18.30 -3.04 -0.16
C SER A 193 -18.39 -3.91 -1.44
N THR A 194 -17.69 -3.46 -2.44
CA THR A 194 -17.46 -4.19 -3.66
C THR A 194 -16.02 -4.70 -3.69
N CYS A 195 -15.86 -6.00 -3.92
CA CYS A 195 -14.54 -6.59 -3.95
C CYS A 195 -14.37 -7.23 -5.29
N ALA A 196 -13.14 -7.28 -5.77
CA ALA A 196 -12.78 -8.05 -6.94
C ALA A 196 -11.70 -8.99 -6.49
N VAL A 197 -11.80 -10.20 -7.01
CA VAL A 197 -10.87 -11.27 -6.72
C VAL A 197 -10.34 -11.85 -8.02
N PHE A 198 -9.05 -11.60 -8.25
CA PHE A 198 -8.30 -12.13 -9.39
C PHE A 198 -7.72 -13.46 -9.03
N GLY A 199 -8.26 -14.51 -9.65
CA GLY A 199 -7.83 -15.86 -9.37
C GLY A 199 -8.83 -16.58 -8.54
N LEU A 200 -9.43 -17.62 -9.11
CA LEU A 200 -10.47 -18.35 -8.45
C LEU A 200 -10.08 -19.85 -8.18
N GLY A 201 -8.85 -20.07 -7.80
CA GLY A 201 -8.41 -21.35 -7.30
C GLY A 201 -8.69 -21.40 -5.81
N GLY A 202 -8.04 -22.35 -5.13
CA GLY A 202 -8.30 -22.61 -3.73
C GLY A 202 -8.16 -21.35 -2.90
N VAL A 203 -7.08 -20.60 -3.13
CA VAL A 203 -6.90 -19.42 -2.31
C VAL A 203 -7.90 -18.34 -2.65
N GLY A 204 -8.13 -18.13 -3.92
CA GLY A 204 -9.11 -17.11 -4.34
C GLY A 204 -10.53 -17.39 -3.84
N LEU A 205 -10.91 -18.65 -3.83
CA LEU A 205 -12.17 -19.04 -3.26
C LEU A 205 -12.25 -18.73 -1.78
N SER A 206 -11.14 -18.88 -1.10
CA SER A 206 -11.04 -18.52 0.31
C SER A 206 -11.13 -17.02 0.54
N VAL A 207 -10.58 -16.22 -0.37
CA VAL A 207 -10.71 -14.80 -0.29
C VAL A 207 -12.20 -14.46 -0.44
N ILE A 208 -12.88 -15.10 -1.38
CA ILE A 208 -14.32 -14.86 -1.57
C ILE A 208 -15.10 -15.21 -0.32
N MET A 209 -14.84 -16.35 0.29
CA MET A 209 -15.45 -16.68 1.56
C MET A 209 -15.22 -15.58 2.60
N GLY A 210 -14.01 -15.02 2.70
CA GLY A 210 -13.72 -13.96 3.66
C GLY A 210 -14.44 -12.67 3.32
N CYS A 211 -14.52 -12.35 2.03
CA CYS A 211 -15.27 -11.19 1.54
C CYS A 211 -16.80 -11.31 1.91
N LYS A 212 -17.37 -12.45 1.65
CA LYS A 212 -18.74 -12.73 2.02
C LYS A 212 -18.95 -12.62 3.51
N ALA A 213 -18.08 -13.28 4.29
CA ALA A 213 -18.13 -13.21 5.75
C ALA A 213 -18.06 -11.82 6.25
N ALA A 214 -17.29 -10.97 5.59
CA ALA A 214 -17.16 -9.61 6.01
C ALA A 214 -18.36 -8.76 5.63
N GLY A 215 -19.29 -9.29 4.86
CA GLY A 215 -20.43 -8.48 4.47
C GLY A 215 -20.31 -7.71 3.13
N ALA A 216 -19.38 -8.05 2.23
CA ALA A 216 -19.30 -7.41 0.92
C ALA A 216 -20.67 -7.55 0.20
N ALA A 217 -21.09 -6.49 -0.49
CA ALA A 217 -22.34 -6.49 -1.23
C ALA A 217 -22.15 -7.12 -2.59
N ARG A 218 -20.98 -6.91 -3.17
CA ARG A 218 -20.65 -7.45 -4.46
C ARG A 218 -19.26 -8.03 -4.39
N ILE A 219 -19.14 -9.20 -4.96
CA ILE A 219 -17.84 -9.83 -5.00
C ILE A 219 -17.69 -10.28 -6.44
N ILE A 220 -16.75 -9.66 -7.15
CA ILE A 220 -16.55 -9.96 -8.52
C ILE A 220 -15.35 -10.91 -8.70
N GLY A 221 -15.64 -12.09 -9.20
CA GLY A 221 -14.63 -13.12 -9.50
C GLY A 221 -14.03 -12.86 -10.84
N VAL A 222 -12.71 -12.97 -10.94
CA VAL A 222 -11.99 -12.76 -12.19
C VAL A 222 -11.12 -13.95 -12.50
N ASP A 223 -11.35 -14.64 -13.62
CA ASP A 223 -10.47 -15.78 -13.91
C ASP A 223 -10.52 -16.06 -15.39
N ILE A 224 -9.42 -16.49 -15.97
CA ILE A 224 -9.42 -16.83 -17.41
C ILE A 224 -10.01 -18.24 -17.68
N ASN A 225 -10.17 -19.03 -16.64
CA ASN A 225 -10.77 -20.31 -16.73
C ASN A 225 -12.23 -20.26 -16.26
N LYS A 226 -13.18 -20.23 -17.18
CA LYS A 226 -14.61 -20.10 -16.79
C LYS A 226 -15.17 -21.29 -16.06
N ASP A 227 -14.46 -22.40 -16.09
CA ASP A 227 -14.90 -23.53 -15.33
C ASP A 227 -14.87 -23.26 -13.84
N ARG A 228 -14.12 -22.22 -13.41
CA ARG A 228 -14.06 -21.90 -11.98
C ARG A 228 -15.23 -21.07 -11.47
N PHE A 229 -16.02 -20.53 -12.39
CA PHE A 229 -17.09 -19.58 -12.00
C PHE A 229 -18.19 -20.17 -11.13
N ALA A 230 -18.66 -21.36 -11.46
CA ALA A 230 -19.72 -22.01 -10.68
C ALA A 230 -19.38 -22.08 -9.21
N LYS A 231 -18.22 -22.63 -8.88
CA LYS A 231 -17.84 -22.77 -7.49
C LYS A 231 -17.62 -21.41 -6.84
N ALA A 232 -17.13 -20.46 -7.60
CA ALA A 232 -16.93 -19.10 -7.07
C ALA A 232 -18.26 -18.49 -6.65
N LYS A 233 -19.29 -18.65 -7.44
CA LYS A 233 -20.62 -18.14 -7.07
C LYS A 233 -21.21 -18.92 -5.89
N GLU A 234 -20.92 -20.21 -5.83
CA GLU A 234 -21.33 -21.02 -4.71
C GLU A 234 -20.81 -20.48 -3.40
N VAL A 235 -19.56 -20.00 -3.35
CA VAL A 235 -19.00 -19.57 -2.10
C VAL A 235 -19.20 -18.08 -1.84
N GLY A 236 -19.85 -17.39 -2.77
CA GLY A 236 -20.20 -16.01 -2.57
C GLY A 236 -19.99 -14.97 -3.66
N ALA A 237 -19.41 -15.34 -4.80
CA ALA A 237 -19.16 -14.33 -5.82
C ALA A 237 -20.53 -13.95 -6.40
N THR A 238 -20.74 -12.67 -6.65
CA THR A 238 -22.03 -12.22 -7.18
C THR A 238 -22.00 -12.17 -8.69
N GLU A 239 -20.82 -12.16 -9.24
CA GLU A 239 -20.62 -12.05 -10.67
C GLU A 239 -19.23 -12.56 -10.97
N CYS A 240 -19.04 -13.13 -12.15
CA CYS A 240 -17.76 -13.54 -12.61
C CYS A 240 -17.43 -12.99 -14.00
N VAL A 241 -16.18 -12.60 -14.19
CA VAL A 241 -15.71 -12.12 -15.46
C VAL A 241 -14.43 -12.77 -15.92
N ASN A 242 -14.43 -13.12 -17.19
CA ASN A 242 -13.28 -13.68 -17.88
C ASN A 242 -12.63 -12.57 -18.73
N PRO A 243 -11.45 -12.11 -18.37
CA PRO A 243 -10.78 -11.07 -19.16
C PRO A 243 -10.63 -11.38 -20.65
N GLN A 244 -10.53 -12.63 -21.00
CA GLN A 244 -10.42 -13.03 -22.41
C GLN A 244 -11.69 -12.74 -23.21
N ASP A 245 -12.77 -12.41 -22.51
CA ASP A 245 -14.06 -12.13 -23.16
C ASP A 245 -14.13 -10.69 -23.64
N TYR A 246 -13.24 -9.84 -23.17
CA TYR A 246 -13.30 -8.40 -23.39
C TYR A 246 -12.21 -7.85 -24.29
N LYS A 247 -12.60 -6.86 -25.04
CA LYS A 247 -11.72 -6.17 -25.91
C LYS A 247 -10.95 -5.15 -25.14
N LYS A 248 -11.48 -4.63 -24.05
CA LYS A 248 -10.70 -3.67 -23.29
C LYS A 248 -10.04 -4.33 -22.08
N PRO A 249 -9.02 -3.68 -21.52
CA PRO A 249 -8.30 -4.27 -20.38
C PRO A 249 -9.23 -4.46 -19.21
N ILE A 250 -9.01 -5.49 -18.43
CA ILE A 250 -9.95 -5.79 -17.40
C ILE A 250 -10.03 -4.70 -16.33
N GLN A 251 -9.00 -3.88 -16.14
CA GLN A 251 -9.15 -2.90 -15.10
C GLN A 251 -10.18 -1.87 -15.54
N GLU A 252 -10.27 -1.61 -16.84
CA GLU A 252 -11.28 -0.67 -17.31
C GLU A 252 -12.70 -1.27 -17.14
N VAL A 253 -12.89 -2.52 -17.54
CA VAL A 253 -14.15 -3.26 -17.32
C VAL A 253 -14.58 -3.24 -15.84
N LEU A 254 -13.66 -3.52 -14.94
CA LEU A 254 -14.06 -3.54 -13.54
C LEU A 254 -14.38 -2.18 -13.00
N THR A 255 -13.66 -1.17 -13.47
CA THR A 255 -13.89 0.19 -13.02
C THR A 255 -15.30 0.60 -13.43
N GLU A 256 -15.69 0.17 -14.62
CA GLU A 256 -17.02 0.48 -15.12
C GLU A 256 -18.09 -0.27 -14.39
N MET A 257 -17.87 -1.56 -14.12
CA MET A 257 -18.83 -2.38 -13.38
C MET A 257 -19.12 -1.88 -11.99
N SER A 258 -18.10 -1.27 -11.38
CA SER A 258 -18.13 -0.84 -10.00
C SER A 258 -18.47 0.62 -9.87
N ASN A 259 -18.78 1.23 -11.00
CA ASN A 259 -19.09 2.63 -11.09
C ASN A 259 -18.00 3.54 -10.54
N GLY A 260 -16.78 3.25 -10.97
CA GLY A 260 -15.60 4.06 -10.65
C GLY A 260 -14.47 3.36 -9.94
N GLY A 261 -14.58 2.05 -9.73
CA GLY A 261 -13.56 1.31 -9.04
C GLY A 261 -14.06 0.57 -7.82
N VAL A 262 -13.44 -0.56 -7.51
CA VAL A 262 -13.86 -1.39 -6.41
C VAL A 262 -13.29 -0.89 -5.06
N ASP A 263 -13.90 -1.22 -3.96
CA ASP A 263 -13.37 -0.89 -2.65
C ASP A 263 -12.12 -1.75 -2.32
N PHE A 264 -12.19 -3.01 -2.72
CA PHE A 264 -11.14 -3.95 -2.38
C PHE A 264 -10.82 -4.86 -3.53
N SER A 265 -9.57 -4.95 -3.97
CA SER A 265 -9.16 -5.96 -4.95
C SER A 265 -8.12 -6.89 -4.37
N PHE A 266 -8.01 -8.08 -4.95
CA PHE A 266 -7.10 -9.10 -4.47
C PHE A 266 -6.47 -9.78 -5.63
N GLU A 267 -5.13 -9.81 -5.68
CA GLU A 267 -4.44 -10.60 -6.68
C GLU A 267 -4.10 -11.91 -6.04
N VAL A 268 -4.62 -12.98 -6.61
CA VAL A 268 -4.47 -14.33 -6.07
C VAL A 268 -4.06 -15.29 -7.23
N ILE A 269 -3.15 -14.83 -8.03
CA ILE A 269 -2.65 -15.66 -9.11
C ILE A 269 -1.13 -15.82 -9.06
N GLY A 270 -0.46 -14.70 -8.99
CA GLY A 270 0.97 -14.64 -8.87
C GLY A 270 1.59 -14.16 -10.16
N ARG A 271 0.95 -13.22 -10.81
CA ARG A 271 1.50 -12.67 -12.00
C ARG A 271 1.71 -11.20 -11.82
N LEU A 272 2.78 -10.70 -12.42
CA LEU A 272 3.10 -9.33 -12.23
C LEU A 272 2.07 -8.40 -12.88
N ASP A 273 1.64 -8.74 -14.08
CA ASP A 273 0.67 -7.89 -14.76
C ASP A 273 -0.68 -7.81 -13.99
N THR A 274 -1.16 -8.92 -13.44
CA THR A 274 -2.41 -8.89 -12.71
C THR A 274 -2.26 -8.16 -11.38
N MET A 275 -1.07 -8.10 -10.84
CA MET A 275 -0.92 -7.30 -9.62
C MET A 275 -1.19 -5.83 -9.99
N VAL A 276 -0.64 -5.37 -11.09
CA VAL A 276 -0.84 -3.99 -11.47
C VAL A 276 -2.26 -3.74 -11.89
N THR A 277 -2.87 -4.71 -12.53
CA THR A 277 -4.27 -4.58 -12.96
C THR A 277 -5.21 -4.48 -11.77
N ALA A 278 -4.96 -5.33 -10.79
CA ALA A 278 -5.80 -5.38 -9.61
C ALA A 278 -5.66 -4.07 -8.83
N LEU A 279 -4.46 -3.50 -8.77
CA LEU A 279 -4.30 -2.24 -8.04
C LEU A 279 -5.05 -1.18 -8.81
N SER A 280 -4.91 -1.18 -10.13
CA SER A 280 -5.65 -0.17 -10.93
C SER A 280 -7.16 -0.27 -10.81
N CYS A 281 -7.71 -1.45 -10.59
CA CYS A 281 -9.12 -1.55 -10.63
C CYS A 281 -9.79 -1.09 -9.33
N CYS A 282 -8.99 -0.81 -8.30
CA CYS A 282 -9.57 -0.32 -7.07
C CYS A 282 -9.75 1.20 -7.18
N GLN A 283 -10.72 1.72 -6.44
CA GLN A 283 -11.09 3.12 -6.56
C GLN A 283 -9.83 3.97 -6.24
N GLU A 284 -9.58 4.98 -7.08
CA GLU A 284 -8.31 5.69 -7.03
C GLU A 284 -8.05 6.48 -5.76
N ALA A 285 -9.10 6.87 -5.09
CA ALA A 285 -8.97 7.66 -3.87
C ALA A 285 -8.94 6.88 -2.55
N TYR A 286 -9.66 5.78 -2.49
CA TYR A 286 -9.81 5.04 -1.23
C TYR A 286 -9.74 3.54 -1.39
N GLY A 287 -9.49 3.08 -2.61
CA GLY A 287 -9.36 1.65 -2.85
C GLY A 287 -8.19 1.01 -2.14
N VAL A 288 -8.35 -0.28 -1.84
CA VAL A 288 -7.28 -1.06 -1.27
C VAL A 288 -7.09 -2.27 -2.15
N SER A 289 -5.86 -2.60 -2.50
CA SER A 289 -5.51 -3.81 -3.27
C SER A 289 -4.53 -4.65 -2.43
N VAL A 290 -4.77 -5.95 -2.35
CA VAL A 290 -3.95 -6.86 -1.60
C VAL A 290 -3.30 -7.89 -2.54
N ILE A 291 -1.99 -8.02 -2.44
CA ILE A 291 -1.26 -9.02 -3.24
C ILE A 291 -1.18 -10.29 -2.40
N VAL A 292 -1.74 -11.39 -2.90
CA VAL A 292 -1.70 -12.68 -2.25
C VAL A 292 -0.84 -13.66 -3.02
N GLY A 293 -0.95 -13.60 -4.34
CA GLY A 293 -0.25 -14.52 -5.21
C GLY A 293 1.26 -14.31 -5.15
N VAL A 294 2.01 -15.37 -5.40
CA VAL A 294 3.45 -15.30 -5.28
C VAL A 294 4.04 -15.08 -6.63
N PRO A 295 4.78 -14.00 -6.78
CA PRO A 295 5.38 -13.62 -8.05
C PRO A 295 6.55 -14.51 -8.40
N PRO A 296 6.93 -14.54 -9.68
CA PRO A 296 8.09 -15.32 -10.10
C PRO A 296 9.34 -14.71 -9.53
N ASP A 297 10.29 -15.59 -9.20
CA ASP A 297 11.49 -15.18 -8.50
C ASP A 297 12.24 -14.08 -9.22
N SER A 298 12.66 -13.10 -8.42
CA SER A 298 13.53 -12.03 -8.86
C SER A 298 12.98 -11.14 -9.99
N GLN A 299 11.70 -11.18 -10.32
CA GLN A 299 11.18 -10.33 -11.36
C GLN A 299 10.54 -9.06 -10.75
N ASN A 300 10.82 -7.89 -11.32
CA ASN A 300 10.27 -6.64 -10.79
C ASN A 300 9.06 -6.36 -11.64
N LEU A 301 8.07 -5.69 -11.09
CA LEU A 301 6.97 -5.18 -11.91
C LEU A 301 7.20 -3.71 -12.19
N SER A 302 6.49 -3.21 -13.19
CA SER A 302 6.57 -1.81 -13.55
C SER A 302 5.20 -1.19 -13.30
N MET A 303 5.17 -0.06 -12.62
CA MET A 303 3.87 0.61 -12.38
C MET A 303 3.99 2.11 -12.27
N ASN A 304 2.88 2.80 -12.44
CA ASN A 304 2.88 4.24 -12.36
C ASN A 304 2.52 4.66 -10.96
N PRO A 305 3.42 5.32 -10.22
CA PRO A 305 3.13 5.68 -8.82
C PRO A 305 2.01 6.67 -8.62
N MET A 306 1.54 7.29 -9.69
CA MET A 306 0.36 8.11 -9.59
C MET A 306 -0.89 7.29 -9.18
N LEU A 307 -0.85 5.99 -9.43
CA LEU A 307 -1.86 5.06 -8.97
C LEU A 307 -1.99 5.12 -7.47
N LEU A 308 -0.86 5.30 -6.79
CA LEU A 308 -0.84 5.40 -5.33
C LEU A 308 -1.14 6.82 -4.81
N LEU A 309 -0.58 7.82 -5.48
CA LEU A 309 -0.67 9.22 -5.07
C LEU A 309 -2.10 9.69 -4.89
N SER A 310 -2.99 9.20 -5.74
CA SER A 310 -4.37 9.60 -5.62
C SER A 310 -5.04 9.10 -4.35
N GLY A 311 -4.51 8.05 -3.70
CA GLY A 311 -5.11 7.60 -2.48
C GLY A 311 -5.14 6.11 -2.26
N ARG A 312 -4.87 5.32 -3.30
CA ARG A 312 -4.91 3.87 -3.18
C ARG A 312 -3.87 3.36 -2.16
N THR A 313 -4.20 2.23 -1.56
CA THR A 313 -3.33 1.51 -0.65
C THR A 313 -3.04 0.20 -1.32
N TRP A 314 -1.76 -0.20 -1.30
CA TRP A 314 -1.34 -1.45 -1.87
C TRP A 314 -0.61 -2.21 -0.75
N LYS A 315 -1.01 -3.43 -0.52
CA LYS A 315 -0.32 -4.24 0.49
C LYS A 315 -0.30 -5.68 0.09
N GLY A 316 0.59 -6.46 0.72
CA GLY A 316 0.63 -7.90 0.49
C GLY A 316 0.62 -8.54 1.87
N ALA A 317 0.50 -9.85 1.91
CA ALA A 317 0.58 -10.59 3.18
C ALA A 317 0.86 -12.04 2.91
N ILE A 318 1.50 -12.66 3.89
CA ILE A 318 1.80 -14.06 3.90
C ILE A 318 0.78 -14.63 4.87
N PHE A 319 0.19 -15.73 4.48
CA PHE A 319 -0.69 -16.55 5.33
C PHE A 319 -1.83 -15.71 5.89
N GLY A 320 -2.37 -14.83 5.07
CA GLY A 320 -3.53 -14.02 5.43
C GLY A 320 -3.32 -13.04 6.56
N GLY A 321 -2.08 -12.73 6.85
CA GLY A 321 -1.73 -11.94 8.01
C GLY A 321 -1.93 -12.58 9.37
N PHE A 322 -2.31 -13.84 9.43
CA PHE A 322 -2.53 -14.49 10.73
C PHE A 322 -1.21 -14.77 11.44
N LYS A 323 -1.13 -14.36 12.72
CA LYS A 323 -0.05 -14.88 13.58
C LYS A 323 -0.29 -16.38 13.66
N SER A 324 0.64 -17.15 13.11
CA SER A 324 0.31 -18.52 12.86
C SER A 324 -0.02 -19.46 14.03
N LYS A 325 0.82 -19.47 15.07
CA LYS A 325 0.63 -20.42 16.15
C LYS A 325 -0.61 -20.04 17.00
N ASP A 326 -0.85 -18.75 17.13
CA ASP A 326 -2.07 -18.26 17.80
C ASP A 326 -3.34 -18.58 17.00
N SER A 327 -3.31 -18.39 15.70
CA SER A 327 -4.54 -18.48 15.01
C SER A 327 -4.95 -19.81 14.50
N VAL A 328 -4.01 -20.67 14.11
CA VAL A 328 -4.39 -21.96 13.55
C VAL A 328 -5.36 -22.74 14.43
N PRO A 329 -5.09 -22.88 15.73
CA PRO A 329 -5.98 -23.64 16.62
C PRO A 329 -7.35 -22.96 16.74
N LYS A 330 -7.35 -21.63 16.75
CA LYS A 330 -8.60 -20.89 16.83
C LYS A 330 -9.40 -21.11 15.52
N LEU A 331 -8.71 -21.11 14.41
CA LEU A 331 -9.38 -21.38 13.16
C LEU A 331 -9.94 -22.81 13.07
N VAL A 332 -9.16 -23.79 13.48
CA VAL A 332 -9.66 -25.14 13.57
C VAL A 332 -10.90 -25.21 14.49
N ALA A 333 -10.85 -24.56 15.64
CA ALA A 333 -11.99 -24.55 16.54
C ALA A 333 -13.23 -23.96 15.85
N ASP A 334 -13.03 -22.89 15.10
CA ASP A 334 -14.11 -22.21 14.38
C ASP A 334 -14.67 -23.13 13.31
N PHE A 335 -13.78 -23.82 12.60
CA PHE A 335 -14.24 -24.85 11.70
C PHE A 335 -15.12 -25.92 12.41
N MET A 336 -14.69 -26.39 13.57
CA MET A 336 -15.39 -27.46 14.28
C MET A 336 -16.81 -26.94 14.64
N ALA A 337 -16.87 -25.65 14.90
CA ALA A 337 -18.10 -24.90 15.19
C ALA A 337 -18.90 -24.42 13.94
N LYS A 338 -18.55 -24.90 12.75
CA LYS A 338 -19.22 -24.56 11.52
C LYS A 338 -19.29 -23.06 11.17
N LYS A 339 -18.25 -22.33 11.50
CA LYS A 339 -18.14 -20.92 11.17
C LYS A 339 -17.77 -20.70 9.71
N PHE A 340 -17.13 -21.69 9.09
CA PHE A 340 -16.81 -21.62 7.68
C PHE A 340 -16.75 -23.04 7.17
N ALA A 341 -16.79 -23.22 5.87
CA ALA A 341 -16.72 -24.55 5.22
C ALA A 341 -15.40 -24.75 4.45
N LEU A 342 -14.89 -25.97 4.43
CA LEU A 342 -13.68 -26.29 3.72
C LEU A 342 -14.02 -27.21 2.59
N ASP A 343 -15.09 -28.00 2.67
CA ASP A 343 -15.44 -28.90 1.56
C ASP A 343 -15.51 -28.27 0.19
N PRO A 344 -16.06 -27.06 0.01
CA PRO A 344 -16.06 -26.46 -1.33
C PRO A 344 -14.68 -26.33 -1.97
N LEU A 345 -13.61 -26.36 -1.17
CA LEU A 345 -12.28 -26.20 -1.67
C LEU A 345 -11.67 -27.55 -2.12
N ILE A 346 -12.22 -28.65 -1.66
CA ILE A 346 -11.55 -29.91 -1.90
C ILE A 346 -12.30 -30.55 -3.00
N THR A 347 -11.60 -30.83 -4.06
CA THR A 347 -12.27 -31.38 -5.22
C THR A 347 -11.82 -32.80 -5.55
N HIS A 348 -10.67 -33.17 -5.03
CA HIS A 348 -10.02 -34.46 -5.31
C HIS A 348 -9.30 -34.98 -4.09
N VAL A 349 -9.32 -36.29 -3.92
CA VAL A 349 -8.58 -36.90 -2.83
C VAL A 349 -7.81 -38.07 -3.45
N LEU A 350 -6.55 -38.24 -3.06
CA LEU A 350 -5.68 -39.28 -3.57
C LEU A 350 -4.77 -39.75 -2.47
N PRO A 351 -4.29 -40.98 -2.60
CA PRO A 351 -3.27 -41.44 -1.66
C PRO A 351 -1.97 -40.71 -1.98
N PHE A 352 -1.17 -40.51 -0.94
CA PHE A 352 0.12 -39.89 -1.01
C PHE A 352 0.87 -40.46 -2.19
N GLU A 353 0.80 -41.78 -2.37
CA GLU A 353 1.54 -42.45 -3.45
C GLU A 353 1.24 -41.95 -4.86
N LYS A 354 0.09 -41.29 -5.03
CA LYS A 354 -0.28 -40.73 -6.31
C LYS A 354 -0.05 -39.21 -6.37
N ILE A 355 0.93 -38.75 -5.64
CA ILE A 355 1.22 -37.33 -5.62
C ILE A 355 1.46 -36.74 -7.00
N ASN A 356 2.16 -37.47 -7.86
CA ASN A 356 2.40 -36.95 -9.21
C ASN A 356 1.07 -36.77 -9.98
N GLU A 357 0.08 -37.69 -9.83
CA GLU A 357 -1.22 -37.49 -10.49
C GLU A 357 -1.92 -36.26 -9.88
N GLY A 358 -1.64 -36.02 -8.61
CA GLY A 358 -2.21 -34.86 -7.95
C GLY A 358 -1.66 -33.58 -8.56
N PHE A 359 -0.36 -33.54 -8.77
CA PHE A 359 0.22 -32.39 -9.43
C PHE A 359 -0.29 -32.26 -10.87
N ASP A 360 -0.50 -33.38 -11.57
CA ASP A 360 -1.07 -33.33 -12.92
C ASP A 360 -2.46 -32.67 -12.85
N LEU A 361 -3.29 -33.02 -11.88
CA LEU A 361 -4.61 -32.39 -11.82
C LEU A 361 -4.54 -30.90 -11.57
N LEU A 362 -3.55 -30.44 -10.81
CA LEU A 362 -3.44 -29.01 -10.56
C LEU A 362 -3.01 -28.32 -11.83
N ARG A 363 -1.99 -28.87 -12.47
CA ARG A 363 -1.41 -28.28 -13.68
C ARG A 363 -2.41 -28.20 -14.84
N SER A 364 -3.25 -29.21 -14.95
CA SER A 364 -4.25 -29.32 -15.98
C SER A 364 -5.39 -28.34 -15.72
N GLY A 365 -5.46 -27.82 -14.51
CA GLY A 365 -6.57 -26.96 -14.17
C GLY A 365 -7.79 -27.74 -13.71
N GLU A 366 -7.68 -29.05 -13.58
CA GLU A 366 -8.86 -29.80 -13.17
C GLU A 366 -9.25 -29.65 -11.68
N SER A 367 -8.28 -29.67 -10.76
CA SER A 367 -8.62 -29.60 -9.36
C SER A 367 -8.53 -28.19 -8.81
N ILE A 368 -9.22 -28.00 -7.70
CA ILE A 368 -8.98 -26.83 -6.88
C ILE A 368 -7.95 -27.28 -5.86
N ARG A 369 -8.33 -28.11 -4.91
CA ARG A 369 -7.35 -28.70 -4.02
C ARG A 369 -7.51 -30.20 -4.05
N THR A 370 -6.38 -30.88 -4.16
CA THR A 370 -6.29 -32.31 -4.01
C THR A 370 -5.63 -32.51 -2.65
N ILE A 371 -6.27 -33.29 -1.80
CA ILE A 371 -5.71 -33.70 -0.54
C ILE A 371 -5.11 -35.11 -0.65
N LEU A 372 -3.88 -35.25 -0.22
CA LEU A 372 -3.19 -36.52 -0.23
C LEU A 372 -3.29 -37.16 1.16
N THR A 373 -3.65 -38.45 1.21
CA THR A 373 -3.73 -39.15 2.46
C THR A 373 -2.57 -40.18 2.58
N PHE A 374 -2.01 -40.26 3.77
CA PHE A 374 -0.87 -41.13 4.04
C PHE A 374 -1.27 -42.49 4.52
N SER B 1 -17.09 48.49 -6.23
CA SER B 1 -17.13 49.05 -7.58
C SER B 1 -16.40 48.19 -8.62
N THR B 2 -16.01 46.98 -8.26
CA THR B 2 -15.50 46.06 -9.26
C THR B 2 -16.46 44.93 -9.52
N ALA B 3 -17.39 44.71 -8.58
CA ALA B 3 -18.30 43.58 -8.71
C ALA B 3 -19.04 43.64 -10.03
N GLY B 4 -19.13 42.49 -10.71
CA GLY B 4 -19.79 42.38 -11.99
C GLY B 4 -18.97 42.88 -13.17
N LYS B 5 -17.81 43.45 -12.95
CA LYS B 5 -16.99 43.93 -14.07
C LYS B 5 -15.70 43.12 -14.29
N VAL B 6 -15.16 43.22 -15.49
CA VAL B 6 -13.85 42.68 -15.70
C VAL B 6 -12.85 43.48 -14.87
N ILE B 7 -11.91 42.77 -14.29
CA ILE B 7 -10.85 43.40 -13.58
C ILE B 7 -9.57 43.29 -14.35
N LYS B 8 -8.90 44.43 -14.52
CA LYS B 8 -7.58 44.46 -15.11
C LYS B 8 -6.62 44.49 -13.96
N CYS B 9 -5.79 43.47 -13.87
CA CYS B 9 -4.86 43.40 -12.78
C CYS B 9 -3.54 42.73 -13.22
N LYS B 10 -2.59 42.63 -12.31
CA LYS B 10 -1.35 42.00 -12.62
C LYS B 10 -1.41 40.51 -12.30
N ALA B 11 -0.81 39.68 -13.17
CA ALA B 11 -0.67 38.27 -12.91
C ALA B 11 0.67 37.79 -13.41
N ALA B 12 1.10 36.63 -12.95
CA ALA B 12 2.33 36.06 -13.44
C ALA B 12 1.93 34.92 -14.36
N VAL B 13 2.14 35.17 -15.65
CA VAL B 13 1.78 34.24 -16.73
C VAL B 13 2.95 33.40 -17.19
N LEU B 14 2.74 32.09 -17.28
CA LEU B 14 3.74 31.17 -17.77
C LEU B 14 3.29 30.88 -19.17
N TRP B 15 3.99 31.44 -20.16
CA TRP B 15 3.58 31.30 -21.56
C TRP B 15 4.13 30.05 -22.19
N GLU B 16 5.24 29.54 -21.66
CA GLU B 16 6.02 28.45 -22.23
C GLU B 16 6.72 27.70 -21.11
N GLU B 17 7.02 26.43 -21.31
CA GLU B 17 7.76 25.67 -20.30
C GLU B 17 9.21 26.18 -20.26
N LYS B 18 9.86 26.04 -19.11
CA LYS B 18 11.28 26.36 -18.95
C LYS B 18 11.62 27.80 -19.27
N LYS B 19 10.71 28.70 -18.87
CA LYS B 19 10.86 30.13 -19.06
C LYS B 19 10.37 30.82 -17.80
N PRO B 20 10.90 31.99 -17.52
CA PRO B 20 10.41 32.81 -16.41
C PRO B 20 8.97 33.20 -16.53
N PHE B 21 8.35 33.45 -15.39
CA PHE B 21 7.02 33.96 -15.43
C PHE B 21 7.10 35.34 -16.06
N SER B 22 6.05 35.70 -16.76
CA SER B 22 5.95 37.02 -17.29
C SER B 22 4.96 37.81 -16.45
N ILE B 23 5.44 38.84 -15.76
CA ILE B 23 4.52 39.63 -14.89
C ILE B 23 3.82 40.70 -15.69
N GLU B 24 2.52 40.56 -15.87
CA GLU B 24 1.81 41.49 -16.71
C GLU B 24 0.33 41.60 -16.45
N GLU B 25 -0.29 42.50 -17.21
CA GLU B 25 -1.69 42.74 -17.07
C GLU B 25 -2.49 41.60 -17.68
N VAL B 26 -3.54 41.22 -16.96
CA VAL B 26 -4.46 40.21 -17.42
C VAL B 26 -5.82 40.74 -17.12
N GLU B 27 -6.80 40.22 -17.81
CA GLU B 27 -8.16 40.58 -17.52
C GLU B 27 -8.78 39.39 -16.81
N VAL B 28 -9.43 39.68 -15.70
CA VAL B 28 -10.16 38.72 -14.90
C VAL B 28 -11.65 38.98 -15.01
N ALA B 29 -12.35 38.01 -15.60
CA ALA B 29 -13.78 38.11 -15.73
C ALA B 29 -14.49 37.96 -14.39
N PRO B 30 -15.67 38.55 -14.27
CA PRO B 30 -16.49 38.37 -13.08
C PRO B 30 -16.91 36.90 -12.87
N PRO B 31 -17.23 36.50 -11.64
CA PRO B 31 -17.64 35.13 -11.39
C PRO B 31 -19.00 34.86 -11.94
N LYS B 32 -19.11 33.71 -12.58
CA LYS B 32 -20.39 33.17 -13.02
C LYS B 32 -21.02 32.44 -11.84
N ALA B 33 -22.14 31.79 -12.09
CA ALA B 33 -22.88 31.11 -11.02
C ALA B 33 -21.98 30.16 -10.25
N HIS B 34 -22.08 30.16 -8.93
CA HIS B 34 -21.26 29.27 -8.12
C HIS B 34 -19.74 29.47 -8.25
N GLU B 35 -19.33 30.68 -8.59
CA GLU B 35 -17.94 31.03 -8.67
C GLU B 35 -17.68 32.17 -7.72
N VAL B 36 -16.41 32.28 -7.39
CA VAL B 36 -15.97 33.22 -6.40
C VAL B 36 -14.73 33.95 -6.95
N ARG B 37 -14.72 35.27 -6.85
CA ARG B 37 -13.57 36.04 -7.26
C ARG B 37 -12.83 36.54 -6.01
N ILE B 38 -11.56 36.19 -5.93
CA ILE B 38 -10.67 36.46 -4.79
C ILE B 38 -9.55 37.44 -5.09
N LYS B 39 -9.36 38.43 -4.23
CA LYS B 39 -8.22 39.27 -4.27
C LYS B 39 -7.12 38.57 -3.46
N MET B 40 -6.04 38.22 -4.09
CA MET B 40 -4.98 37.45 -3.44
C MET B 40 -4.25 38.32 -2.41
N VAL B 41 -3.93 37.73 -1.26
CA VAL B 41 -3.18 38.49 -0.26
C VAL B 41 -1.76 37.93 -0.19
N ALA B 42 -1.64 36.60 -0.23
CA ALA B 42 -0.34 35.97 -0.17
C ALA B 42 -0.40 34.63 -0.87
N THR B 43 0.71 34.26 -1.46
CA THR B 43 0.83 32.96 -2.13
C THR B 43 2.22 32.36 -1.98
N GLY B 44 2.27 31.07 -1.71
CA GLY B 44 3.54 30.43 -1.54
C GLY B 44 4.09 29.87 -2.83
N ILE B 45 5.37 29.62 -2.85
CA ILE B 45 5.97 29.02 -4.02
C ILE B 45 6.24 27.59 -3.68
N CYS B 46 5.54 26.68 -4.36
CA CYS B 46 5.59 25.27 -4.05
C CYS B 46 6.37 24.53 -5.13
N ARG B 47 7.04 23.46 -4.74
CA ARG B 47 7.83 22.69 -5.71
C ARG B 47 6.95 22.31 -6.87
N SER B 48 5.74 21.95 -6.60
CA SER B 48 4.81 21.63 -7.68
C SER B 48 4.69 22.71 -8.74
N ASP B 49 4.75 23.99 -8.37
CA ASP B 49 4.59 25.06 -9.36
C ASP B 49 5.81 25.09 -10.21
N ASP B 50 6.94 24.74 -9.61
CA ASP B 50 8.19 24.68 -10.32
C ASP B 50 8.21 23.49 -11.26
N GLN B 51 7.52 22.40 -10.89
CA GLN B 51 7.37 21.21 -11.76
C GLN B 51 6.55 21.55 -13.03
N VAL B 52 5.62 22.52 -12.91
CA VAL B 52 4.85 23.00 -14.05
C VAL B 52 5.78 23.75 -14.98
N VAL B 53 6.63 24.63 -14.45
CA VAL B 53 7.63 25.31 -15.28
C VAL B 53 8.59 24.29 -15.91
N SER B 54 9.09 23.33 -15.12
CA SER B 54 9.99 22.27 -15.58
C SER B 54 9.42 21.33 -16.65
N GLY B 55 8.11 21.25 -16.73
CA GLY B 55 7.47 20.34 -17.67
C GLY B 55 7.29 18.93 -17.11
N THR B 56 7.67 18.70 -15.85
CA THR B 56 7.50 17.36 -15.29
C THR B 56 6.11 17.16 -14.72
N LEU B 57 5.44 18.27 -14.41
CA LEU B 57 4.01 18.22 -14.05
C LEU B 57 3.30 18.89 -15.23
N VAL B 58 2.53 18.10 -15.97
CA VAL B 58 1.91 18.58 -17.17
C VAL B 58 0.55 19.22 -16.98
N THR B 59 0.38 20.43 -17.52
CA THR B 59 -0.90 21.13 -17.50
C THR B 59 -0.87 22.05 -18.72
N PRO B 60 -2.03 22.31 -19.31
CA PRO B 60 -2.10 23.14 -20.52
C PRO B 60 -1.56 24.52 -20.29
N LEU B 61 -0.79 25.03 -21.23
CA LEU B 61 -0.20 26.34 -21.17
C LEU B 61 -0.73 27.12 -22.35
N PRO B 62 -0.71 28.44 -22.30
CA PRO B 62 -0.17 29.23 -21.18
C PRO B 62 -1.05 29.11 -19.92
N VAL B 63 -0.49 29.36 -18.74
CA VAL B 63 -1.23 29.18 -17.52
C VAL B 63 -0.88 30.24 -16.47
N ILE B 64 -1.82 30.52 -15.60
CA ILE B 64 -1.54 31.21 -14.37
C ILE B 64 -1.48 30.10 -13.33
N ALA B 65 -0.28 29.82 -12.83
CA ALA B 65 0.02 28.77 -11.85
C ALA B 65 -0.19 29.34 -10.45
N GLY B 66 0.30 28.61 -9.45
CA GLY B 66 0.04 28.97 -8.07
C GLY B 66 -1.21 28.27 -7.52
N HIS B 67 -1.06 27.60 -6.40
CA HIS B 67 -2.15 26.89 -5.76
C HIS B 67 -2.11 26.96 -4.24
N GLU B 68 -1.07 27.54 -3.67
CA GLU B 68 -0.97 27.65 -2.24
C GLU B 68 -1.12 29.14 -1.88
N ALA B 69 -2.30 29.52 -1.44
CA ALA B 69 -2.56 30.95 -1.23
C ALA B 69 -3.65 31.25 -0.25
N ALA B 70 -3.76 32.54 0.09
CA ALA B 70 -4.86 33.03 0.89
C ALA B 70 -5.25 34.44 0.37
N GLY B 71 -6.50 34.80 0.49
CA GLY B 71 -6.96 36.09 0.05
C GLY B 71 -8.29 36.43 0.60
N ILE B 72 -8.93 37.45 0.01
CA ILE B 72 -10.16 37.95 0.48
C ILE B 72 -11.13 38.01 -0.67
N VAL B 73 -12.35 37.57 -0.41
CA VAL B 73 -13.37 37.48 -1.41
C VAL B 73 -13.73 38.87 -1.90
N GLU B 74 -13.75 39.05 -3.20
CA GLU B 74 -14.11 40.35 -3.81
C GLU B 74 -15.54 40.32 -4.23
N SER B 75 -15.96 39.24 -4.86
CA SER B 75 -17.34 39.11 -5.30
C SER B 75 -17.67 37.67 -5.53
N ILE B 76 -18.95 37.36 -5.49
CA ILE B 76 -19.44 36.02 -5.69
C ILE B 76 -20.49 35.98 -6.74
N GLY B 77 -20.50 34.86 -7.45
CA GLY B 77 -21.50 34.64 -8.44
C GLY B 77 -22.81 34.19 -7.84
N GLU B 78 -23.77 34.06 -8.73
CA GLU B 78 -25.09 33.67 -8.33
C GLU B 78 -25.04 32.29 -7.69
N GLY B 79 -25.77 32.10 -6.60
CA GLY B 79 -25.90 30.78 -6.01
C GLY B 79 -24.89 30.39 -4.94
N VAL B 80 -23.87 31.20 -4.73
CA VAL B 80 -22.84 30.94 -3.70
C VAL B 80 -23.38 31.19 -2.34
N THR B 81 -23.17 30.24 -1.44
CA THR B 81 -23.68 30.32 -0.08
C THR B 81 -22.65 30.12 1.01
N THR B 82 -21.47 29.65 0.66
CA THR B 82 -20.51 29.30 1.66
C THR B 82 -19.51 30.42 1.91
N VAL B 83 -19.45 31.41 1.02
CA VAL B 83 -18.57 32.53 1.26
C VAL B 83 -19.28 33.81 0.82
N ARG B 84 -18.78 34.91 1.32
CA ARG B 84 -19.33 36.23 0.97
C ARG B 84 -18.20 37.24 0.83
N PRO B 85 -18.40 38.31 0.06
CA PRO B 85 -17.42 39.36 -0.09
C PRO B 85 -16.85 39.84 1.24
N GLY B 86 -15.53 40.01 1.33
CA GLY B 86 -14.86 40.39 2.55
C GLY B 86 -14.34 39.19 3.36
N ASP B 87 -14.82 37.99 3.06
CA ASP B 87 -14.34 36.80 3.76
C ASP B 87 -12.92 36.49 3.43
N LYS B 88 -12.18 36.08 4.46
CA LYS B 88 -10.85 35.52 4.26
C LYS B 88 -11.05 34.06 3.78
N VAL B 89 -10.26 33.65 2.80
CA VAL B 89 -10.44 32.36 2.13
C VAL B 89 -9.14 31.77 1.70
N ILE B 90 -9.13 30.45 1.54
CA ILE B 90 -8.01 29.76 1.02
C ILE B 90 -8.57 28.93 -0.12
N PRO B 91 -7.98 29.08 -1.28
CA PRO B 91 -8.37 28.31 -2.45
C PRO B 91 -7.92 26.87 -2.23
N LEU B 92 -8.65 25.92 -2.73
CA LEU B 92 -8.35 24.50 -2.49
C LEU B 92 -7.98 23.81 -3.79
N PHE B 93 -6.76 23.35 -3.96
CA PHE B 93 -6.40 22.70 -5.23
C PHE B 93 -7.07 21.31 -5.42
N THR B 94 -7.53 20.75 -4.33
CA THR B 94 -8.37 19.56 -4.38
C THR B 94 -9.69 20.04 -3.88
N PRO B 95 -10.71 19.99 -4.70
CA PRO B 95 -12.03 20.48 -4.31
C PRO B 95 -12.76 19.48 -3.42
N GLN B 96 -13.89 19.93 -2.88
CA GLN B 96 -14.78 19.08 -2.09
C GLN B 96 -16.20 19.40 -2.49
N CYS B 97 -16.67 18.64 -3.45
CA CYS B 97 -17.95 18.90 -4.03
C CYS B 97 -19.04 18.46 -3.08
N GLY B 98 -18.70 17.47 -2.26
CA GLY B 98 -19.60 16.94 -1.28
C GLY B 98 -20.65 16.02 -1.85
N LYS B 99 -20.63 15.79 -3.15
CA LYS B 99 -21.68 14.98 -3.75
C LYS B 99 -21.24 13.70 -4.44
N CYS B 100 -19.95 13.58 -4.71
CA CYS B 100 -19.41 12.43 -5.40
C CYS B 100 -19.14 11.30 -4.45
N ARG B 101 -18.84 10.13 -4.99
CA ARG B 101 -18.62 8.96 -4.17
C ARG B 101 -17.40 9.08 -3.24
N VAL B 102 -16.40 9.82 -3.66
CA VAL B 102 -15.21 10.02 -2.84
C VAL B 102 -15.59 10.94 -1.72
N CYS B 103 -16.25 12.03 -2.06
CA CYS B 103 -16.60 13.00 -1.05
C CYS B 103 -17.50 12.40 0.03
N LYS B 104 -18.32 11.41 -0.35
CA LYS B 104 -19.20 10.74 0.59
C LYS B 104 -18.51 9.61 1.37
N HIS B 105 -17.32 9.22 0.93
CA HIS B 105 -16.63 8.12 1.62
C HIS B 105 -15.90 8.68 2.82
N PRO B 106 -15.89 7.98 3.94
CA PRO B 106 -15.26 8.52 5.17
C PRO B 106 -13.76 8.71 5.06
N GLU B 107 -13.06 7.99 4.19
CA GLU B 107 -11.63 8.17 4.13
C GLU B 107 -11.15 9.03 2.99
N GLY B 108 -11.77 8.87 1.83
CA GLY B 108 -11.31 9.57 0.64
C GLY B 108 -11.40 11.10 0.64
N ASN B 109 -10.48 11.70 -0.08
CA ASN B 109 -10.47 13.16 -0.27
C ASN B 109 -10.21 13.65 -1.67
N PHE B 110 -9.84 12.76 -2.59
CA PHE B 110 -9.60 13.12 -3.96
C PHE B 110 -10.93 13.20 -4.71
N CYS B 111 -11.62 14.31 -4.50
CA CYS B 111 -12.96 14.56 -5.10
C CYS B 111 -12.91 14.43 -6.60
N LEU B 112 -13.93 13.80 -7.17
CA LEU B 112 -13.95 13.51 -8.60
C LEU B 112 -14.00 14.76 -9.53
N LYS B 113 -14.33 15.92 -8.97
CA LYS B 113 -14.32 17.18 -9.72
C LYS B 113 -12.93 17.80 -9.80
N ASN B 114 -11.90 17.13 -9.25
CA ASN B 114 -10.54 17.61 -9.33
C ASN B 114 -10.07 17.83 -10.77
N ASP B 115 -9.13 18.75 -10.95
CA ASP B 115 -8.50 19.02 -12.26
C ASP B 115 -7.06 18.53 -12.25
N LEU B 116 -6.81 17.51 -11.43
CA LEU B 116 -5.49 16.97 -11.32
C LEU B 116 -5.22 15.74 -12.14
N SER B 117 -6.16 14.82 -12.12
CA SER B 117 -6.00 13.57 -12.86
C SER B 117 -5.79 13.77 -14.35
N MET B 118 -6.64 14.57 -14.97
CA MET B 118 -6.58 14.82 -16.40
C MET B 118 -6.82 16.32 -16.52
N PRO B 119 -5.77 17.13 -16.41
CA PRO B 119 -5.97 18.56 -16.29
C PRO B 119 -6.50 19.19 -17.56
N ARG B 120 -7.48 20.03 -17.39
CA ARG B 120 -8.10 20.77 -18.46
C ARG B 120 -7.60 22.20 -18.38
N GLY B 121 -7.29 22.67 -17.19
CA GLY B 121 -6.89 24.05 -17.04
C GLY B 121 -8.03 25.02 -17.18
N THR B 122 -9.22 24.68 -16.70
CA THR B 122 -10.38 25.56 -16.77
C THR B 122 -11.15 25.61 -15.47
N MET B 123 -12.23 26.37 -15.45
CA MET B 123 -13.18 26.33 -14.36
C MET B 123 -13.99 25.05 -14.56
N GLN B 124 -14.82 24.69 -13.60
CA GLN B 124 -15.66 23.48 -13.73
C GLN B 124 -16.48 23.48 -15.01
N ASP B 125 -16.83 24.66 -15.53
CA ASP B 125 -17.64 24.72 -16.73
C ASP B 125 -16.87 24.58 -18.05
N GLY B 126 -15.55 24.36 -17.96
CA GLY B 126 -14.72 24.11 -19.11
C GLY B 126 -14.28 25.38 -19.81
N THR B 127 -14.48 26.52 -19.18
CA THR B 127 -13.99 27.80 -19.72
C THR B 127 -13.01 28.47 -18.76
N SER B 128 -12.37 29.53 -19.26
CA SER B 128 -11.41 30.30 -18.47
C SER B 128 -11.90 31.72 -18.15
N ARG B 129 -11.52 32.26 -17.01
CA ARG B 129 -11.92 33.64 -16.69
C ARG B 129 -10.78 34.58 -16.90
N PHE B 130 -9.68 34.06 -17.44
CA PHE B 130 -8.49 34.85 -17.69
C PHE B 130 -8.17 35.15 -19.13
N THR B 131 -7.87 36.41 -19.38
CA THR B 131 -7.40 36.82 -20.70
C THR B 131 -6.09 37.60 -20.56
N CYS B 132 -5.12 37.31 -21.41
CA CYS B 132 -3.89 38.11 -21.39
C CYS B 132 -3.43 38.37 -22.81
N ARG B 133 -3.33 39.66 -23.15
CA ARG B 133 -2.93 40.10 -24.49
C ARG B 133 -3.96 39.61 -25.52
N GLY B 134 -5.24 39.59 -25.16
CA GLY B 134 -6.28 39.11 -26.06
C GLY B 134 -6.34 37.58 -26.20
N LYS B 135 -5.48 36.89 -25.47
CA LYS B 135 -5.46 35.44 -25.53
C LYS B 135 -6.00 34.82 -24.22
N PRO B 136 -6.77 33.72 -24.32
CA PRO B 136 -7.24 33.04 -23.10
C PRO B 136 -6.13 32.31 -22.41
N ILE B 137 -6.06 32.39 -21.08
CA ILE B 137 -5.02 31.76 -20.29
C ILE B 137 -5.64 30.66 -19.43
N HIS B 138 -4.97 29.54 -19.30
CA HIS B 138 -5.48 28.45 -18.48
C HIS B 138 -5.37 28.73 -17.01
N HIS B 139 -6.28 28.08 -16.28
CA HIS B 139 -6.27 28.06 -14.84
C HIS B 139 -5.40 26.85 -14.49
N PHE B 140 -4.98 26.77 -13.25
CA PHE B 140 -4.14 25.66 -12.76
C PHE B 140 -4.78 25.09 -11.49
N LEU B 141 -5.19 23.84 -11.56
CA LEU B 141 -5.88 23.09 -10.47
C LEU B 141 -7.11 23.77 -9.88
N GLY B 142 -7.81 24.52 -10.70
CA GLY B 142 -8.95 25.29 -10.26
C GLY B 142 -8.54 26.43 -9.33
N THR B 143 -7.28 26.84 -9.27
CA THR B 143 -6.93 27.87 -8.29
C THR B 143 -6.25 29.09 -8.92
N SER B 144 -5.06 28.91 -9.47
CA SER B 144 -4.33 29.98 -10.14
C SER B 144 -4.19 31.18 -9.21
N THR B 145 -3.23 31.09 -8.35
CA THR B 145 -3.05 32.12 -7.35
C THR B 145 -1.96 33.12 -7.64
N PHE B 146 -1.24 32.95 -8.73
CA PHE B 146 -0.17 33.88 -9.10
C PHE B 146 -0.78 35.07 -9.87
N SER B 147 -1.77 35.71 -9.26
CA SER B 147 -2.53 36.80 -9.85
C SER B 147 -3.06 37.64 -8.75
N GLN B 148 -3.23 38.94 -8.96
CA GLN B 148 -3.84 39.75 -7.89
C GLN B 148 -5.30 39.37 -7.65
N TYR B 149 -5.96 38.83 -8.67
CA TYR B 149 -7.33 38.37 -8.57
C TYR B 149 -7.44 37.05 -9.29
N THR B 150 -8.19 36.11 -8.72
CA THR B 150 -8.49 34.87 -9.43
C THR B 150 -9.95 34.56 -9.24
N VAL B 151 -10.48 33.62 -10.02
CA VAL B 151 -11.86 33.20 -9.88
C VAL B 151 -11.78 31.70 -9.69
N VAL B 152 -12.47 31.20 -8.69
CA VAL B 152 -12.47 29.78 -8.39
C VAL B 152 -13.89 29.31 -8.17
N ASP B 153 -14.10 28.03 -8.44
CA ASP B 153 -15.42 27.44 -8.24
C ASP B 153 -15.68 27.36 -6.73
N GLU B 154 -16.93 27.47 -6.33
CA GLU B 154 -17.28 27.44 -4.90
C GLU B 154 -16.73 26.16 -4.19
N ILE B 155 -16.79 25.02 -4.88
CA ILE B 155 -16.23 23.81 -4.29
C ILE B 155 -14.71 23.80 -4.08
N SER B 156 -14.02 24.84 -4.58
CA SER B 156 -12.64 24.95 -4.43
C SER B 156 -12.27 26.12 -3.54
N VAL B 157 -13.13 26.51 -2.65
CA VAL B 157 -12.71 27.56 -1.76
C VAL B 157 -13.25 27.33 -0.39
N ALA B 158 -12.48 27.70 0.63
CA ALA B 158 -12.90 27.54 2.01
C ALA B 158 -12.78 28.85 2.77
N LYS B 159 -13.83 29.18 3.47
CA LYS B 159 -13.83 30.34 4.35
C LYS B 159 -13.06 30.03 5.62
N ILE B 160 -12.21 30.93 6.03
CA ILE B 160 -11.41 30.74 7.23
C ILE B 160 -11.63 31.92 8.19
N ASP B 161 -11.08 31.76 9.38
CA ASP B 161 -11.11 32.72 10.48
C ASP B 161 -10.77 34.15 9.99
N ALA B 162 -11.69 35.08 10.22
CA ALA B 162 -11.51 36.51 9.93
C ALA B 162 -10.25 37.16 10.51
N ALA B 163 -9.65 36.59 11.53
CA ALA B 163 -8.45 37.19 12.08
C ALA B 163 -7.16 36.49 11.65
N SER B 164 -7.26 35.54 10.70
CA SER B 164 -6.07 34.79 10.29
C SER B 164 -5.00 35.67 9.71
N PRO B 165 -3.73 35.39 10.01
CA PRO B 165 -2.60 36.02 9.31
C PRO B 165 -2.42 35.36 7.93
N LEU B 166 -2.91 35.99 6.90
CA LEU B 166 -2.92 35.34 5.57
C LEU B 166 -1.53 35.06 5.06
N GLU B 167 -0.53 35.81 5.50
CA GLU B 167 0.81 35.62 5.04
C GLU B 167 1.44 34.38 5.66
N LYS B 168 0.76 33.80 6.62
CA LYS B 168 1.22 32.56 7.18
C LYS B 168 0.30 31.39 6.78
N VAL B 169 -0.99 31.56 6.99
CA VAL B 169 -1.92 30.45 6.78
C VAL B 169 -2.05 30.02 5.32
N CYS B 170 -1.48 30.77 4.36
CA CYS B 170 -1.57 30.31 2.97
C CYS B 170 -0.93 28.91 2.90
N LEU B 171 -0.08 28.58 3.87
CA LEU B 171 0.60 27.29 3.87
C LEU B 171 -0.32 26.12 4.15
N ILE B 172 -1.48 26.40 4.72
CA ILE B 172 -2.48 25.41 5.01
C ILE B 172 -3.17 24.98 3.72
N GLY B 173 -3.00 25.82 2.69
CA GLY B 173 -3.52 25.57 1.37
C GLY B 173 -2.78 24.47 0.60
N CYS B 174 -1.58 24.15 1.03
CA CYS B 174 -0.86 23.07 0.37
C CYS B 174 0.15 22.40 1.28
N GLY B 175 1.32 23.01 1.33
CA GLY B 175 2.47 22.50 2.02
C GLY B 175 2.28 21.94 3.40
N PHE B 176 1.80 22.76 4.30
CA PHE B 176 1.73 22.30 5.66
C PHE B 176 0.76 21.12 5.74
N SER B 177 -0.40 21.30 5.15
CA SER B 177 -1.47 20.36 5.40
C SER B 177 -1.08 19.03 4.78
N THR B 178 -0.47 19.10 3.61
CA THR B 178 -0.09 17.87 2.91
C THR B 178 0.86 17.04 3.78
N GLY B 179 1.87 17.69 4.32
CA GLY B 179 2.86 16.97 5.09
C GLY B 179 2.31 16.48 6.38
N TYR B 180 1.64 17.39 7.09
CA TYR B 180 1.07 17.06 8.36
C TYR B 180 0.06 15.91 8.31
N GLY B 181 -0.89 15.99 7.41
CA GLY B 181 -1.91 14.97 7.23
C GLY B 181 -1.33 13.64 6.73
N SER B 182 -0.30 13.68 5.93
CA SER B 182 0.33 12.43 5.49
C SER B 182 0.80 11.56 6.69
N ALA B 183 1.26 12.23 7.74
CA ALA B 183 1.68 11.59 8.95
C ALA B 183 0.52 11.19 9.80
N VAL B 184 -0.33 12.17 10.11
CA VAL B 184 -1.34 11.93 11.10
C VAL B 184 -2.58 11.30 10.54
N LYS B 185 -2.86 11.44 9.27
CA LYS B 185 -4.11 10.92 8.77
C LYS B 185 -3.94 9.77 7.79
N VAL B 186 -2.93 9.87 6.96
CA VAL B 186 -2.69 8.84 5.94
C VAL B 186 -1.90 7.72 6.53
N ALA B 187 -0.71 7.99 7.01
CA ALA B 187 0.09 6.95 7.65
C ALA B 187 -0.44 6.52 9.00
N LYS B 188 -1.11 7.44 9.70
CA LYS B 188 -1.57 7.26 11.07
C LYS B 188 -0.39 6.83 11.93
N VAL B 189 0.68 7.63 11.88
CA VAL B 189 1.86 7.37 12.70
C VAL B 189 1.43 7.14 14.18
N THR B 190 1.99 6.12 14.83
CA THR B 190 1.65 5.77 16.20
C THR B 190 2.67 6.23 17.21
N GLN B 191 2.25 6.34 18.44
CA GLN B 191 3.15 6.76 19.49
C GLN B 191 4.26 5.74 19.68
N GLY B 192 5.48 6.25 19.86
CA GLY B 192 6.73 5.49 20.08
C GLY B 192 7.29 4.86 18.82
N SER B 193 6.72 5.20 17.67
CA SER B 193 7.20 4.61 16.44
C SER B 193 8.48 5.27 15.91
N THR B 194 9.14 4.57 15.01
CA THR B 194 10.25 5.12 14.26
C THR B 194 9.77 5.48 12.83
N CYS B 195 9.99 6.73 12.48
CA CYS B 195 9.66 7.28 11.20
C CYS B 195 10.92 7.71 10.43
N ALA B 196 10.87 7.56 9.11
CA ALA B 196 11.86 8.07 8.19
C ALA B 196 11.19 8.98 7.14
N VAL B 197 11.76 10.17 6.97
CA VAL B 197 11.25 11.17 6.04
C VAL B 197 12.28 11.53 5.00
N PHE B 198 12.02 11.10 3.78
CA PHE B 198 12.85 11.41 2.63
C PHE B 198 12.43 12.75 2.06
N GLY B 199 13.30 13.75 2.16
CA GLY B 199 13.02 15.06 1.64
C GLY B 199 12.64 16.00 2.74
N LEU B 200 13.51 17.00 2.98
CA LEU B 200 13.38 17.91 4.11
C LEU B 200 13.13 19.35 3.62
N GLY B 201 12.35 19.47 2.56
CA GLY B 201 11.84 20.76 2.13
C GLY B 201 10.57 21.08 2.92
N GLY B 202 9.79 22.06 2.48
CA GLY B 202 8.62 22.48 3.23
C GLY B 202 7.60 21.38 3.57
N VAL B 203 7.39 20.49 2.64
CA VAL B 203 6.44 19.44 2.87
C VAL B 203 7.01 18.39 3.83
N GLY B 204 8.25 17.98 3.63
CA GLY B 204 8.97 17.05 4.49
C GLY B 204 9.01 17.56 5.92
N LEU B 205 9.26 18.87 6.10
CA LEU B 205 9.24 19.43 7.45
C LEU B 205 7.86 19.34 8.06
N SER B 206 6.81 19.50 7.28
CA SER B 206 5.49 19.32 7.85
C SER B 206 5.20 17.87 8.19
N VAL B 207 5.74 16.90 7.42
CA VAL B 207 5.60 15.51 7.76
C VAL B 207 6.25 15.29 9.16
N ILE B 208 7.43 15.86 9.33
CA ILE B 208 8.14 15.74 10.60
C ILE B 208 7.27 16.34 11.69
N MET B 209 6.69 17.50 11.48
CA MET B 209 5.84 18.07 12.52
C MET B 209 4.69 17.13 12.87
N GLY B 210 4.08 16.50 11.87
CA GLY B 210 3.03 15.52 12.10
C GLY B 210 3.50 14.28 12.85
N CYS B 211 4.66 13.75 12.49
CA CYS B 211 5.21 12.58 13.13
C CYS B 211 5.49 12.90 14.63
N LYS B 212 6.01 14.07 14.86
CA LYS B 212 6.26 14.54 16.24
C LYS B 212 4.97 14.65 17.03
N ALA B 213 3.97 15.28 16.44
CA ALA B 213 2.65 15.44 17.00
C ALA B 213 1.99 14.12 17.27
N ALA B 214 2.28 13.10 16.43
CA ALA B 214 1.71 11.77 16.59
C ALA B 214 2.43 10.95 17.67
N GLY B 215 3.42 11.51 18.32
CA GLY B 215 4.12 10.80 19.34
C GLY B 215 5.24 9.87 18.85
N ALA B 216 5.76 10.05 17.63
CA ALA B 216 6.86 9.20 17.17
C ALA B 216 8.02 9.30 18.15
N ALA B 217 8.74 8.24 18.36
CA ALA B 217 9.88 8.35 19.31
C ALA B 217 11.16 8.72 18.54
N ARG B 218 11.26 8.28 17.30
CA ARG B 218 12.39 8.56 16.40
C ARG B 218 11.89 9.00 15.03
N ILE B 219 12.51 10.06 14.56
CA ILE B 219 12.20 10.66 13.32
C ILE B 219 13.49 10.94 12.60
N ILE B 220 13.71 10.14 11.58
CA ILE B 220 14.95 10.22 10.85
C ILE B 220 14.75 11.01 9.55
N GLY B 221 15.38 12.18 9.46
CA GLY B 221 15.30 13.00 8.24
C GLY B 221 16.32 12.52 7.23
N VAL B 222 15.94 12.42 5.96
CA VAL B 222 16.86 12.01 4.90
C VAL B 222 16.90 13.09 3.81
N ASP B 223 18.09 13.61 3.52
CA ASP B 223 18.20 14.61 2.47
C ASP B 223 19.64 14.65 1.97
N ILE B 224 19.82 14.97 0.70
CA ILE B 224 21.15 15.06 0.13
C ILE B 224 21.71 16.45 0.40
N ASN B 225 20.89 17.35 0.91
CA ASN B 225 21.31 18.70 1.18
C ASN B 225 21.45 18.87 2.68
N LYS B 226 22.68 18.81 3.17
CA LYS B 226 22.92 18.88 4.61
C LYS B 226 22.50 20.21 5.26
N ASP B 227 22.30 21.23 4.43
CA ASP B 227 21.83 22.50 4.94
C ASP B 227 20.42 22.41 5.57
N ARG B 228 19.68 21.36 5.21
CA ARG B 228 18.32 21.16 5.70
C ARG B 228 18.25 20.56 7.08
N PHE B 229 19.33 19.96 7.55
CA PHE B 229 19.28 19.22 8.82
C PHE B 229 18.91 20.03 10.02
N ALA B 230 19.50 21.21 10.11
CA ALA B 230 19.25 22.04 11.29
C ALA B 230 17.77 22.31 11.56
N LYS B 231 17.06 22.76 10.52
CA LYS B 231 15.66 23.05 10.65
C LYS B 231 14.86 21.76 10.91
N ALA B 232 15.24 20.65 10.30
CA ALA B 232 14.54 19.39 10.47
C ALA B 232 14.59 18.98 11.94
N LYS B 233 15.73 19.20 12.57
CA LYS B 233 15.87 18.86 13.98
C LYS B 233 15.04 19.81 14.83
N GLU B 234 14.99 21.07 14.44
CA GLU B 234 14.22 22.05 15.22
C GLU B 234 12.75 21.65 15.23
N VAL B 235 12.25 21.14 14.11
CA VAL B 235 10.84 20.75 14.09
C VAL B 235 10.55 19.29 14.55
N GLY B 236 11.57 18.57 14.97
CA GLY B 236 11.29 17.27 15.49
C GLY B 236 12.17 16.13 15.04
N ALA B 237 13.02 16.30 14.06
CA ALA B 237 13.85 15.17 13.61
C ALA B 237 14.85 14.82 14.69
N THR B 238 15.07 13.54 14.95
CA THR B 238 15.95 13.09 16.04
C THR B 238 17.35 12.84 15.51
N GLU B 239 17.42 12.63 14.21
CA GLU B 239 18.60 12.27 13.51
C GLU B 239 18.39 12.70 12.05
N CYS B 240 19.47 13.05 11.36
CA CYS B 240 19.44 13.31 9.94
C CYS B 240 20.56 12.57 9.26
N VAL B 241 20.26 12.00 8.09
CA VAL B 241 21.24 11.29 7.32
C VAL B 241 21.27 11.77 5.86
N ASN B 242 22.50 11.91 5.35
CA ASN B 242 22.79 12.24 3.96
C ASN B 242 23.23 11.02 3.14
N PRO B 243 22.39 10.52 2.22
CA PRO B 243 22.74 9.31 1.49
C PRO B 243 24.13 9.38 0.83
N GLN B 244 24.57 10.58 0.47
CA GLN B 244 25.84 10.76 -0.16
C GLN B 244 27.02 10.46 0.77
N ASP B 245 26.78 10.38 2.08
CA ASP B 245 27.83 10.08 3.04
C ASP B 245 28.13 8.62 3.11
N TYR B 246 27.32 7.77 2.44
CA TYR B 246 27.45 6.33 2.65
C TYR B 246 27.84 5.54 1.44
N LYS B 247 28.57 4.47 1.66
CA LYS B 247 28.96 3.57 0.59
C LYS B 247 27.88 2.51 0.35
N LYS B 248 26.89 2.42 1.22
CA LYS B 248 25.85 1.40 1.00
C LYS B 248 24.53 2.13 0.71
N PRO B 249 23.60 1.51 0.00
CA PRO B 249 22.34 2.20 -0.33
C PRO B 249 21.64 2.63 0.94
N ILE B 250 20.95 3.74 0.86
CA ILE B 250 20.36 4.29 2.07
C ILE B 250 19.29 3.37 2.68
N GLN B 251 18.63 2.48 1.93
CA GLN B 251 17.65 1.63 2.60
C GLN B 251 18.36 0.70 3.57
N GLU B 252 19.55 0.26 3.21
CA GLU B 252 20.35 -0.58 4.11
C GLU B 252 20.74 0.15 5.40
N VAL B 253 21.22 1.38 5.24
CA VAL B 253 21.52 2.21 6.37
C VAL B 253 20.30 2.38 7.26
N LEU B 254 19.17 2.73 6.69
CA LEU B 254 18.00 2.96 7.50
C LEU B 254 17.51 1.69 8.17
N THR B 255 17.62 0.57 7.49
CA THR B 255 17.19 -0.68 8.09
C THR B 255 18.07 -1.01 9.29
N GLU B 256 19.38 -0.80 9.17
CA GLU B 256 20.31 -1.05 10.27
C GLU B 256 20.07 -0.08 11.42
N MET B 257 19.85 1.19 11.09
CA MET B 257 19.64 2.19 12.13
C MET B 257 18.41 1.94 12.94
N SER B 258 17.40 1.33 12.32
CA SER B 258 16.13 1.09 12.96
C SER B 258 15.96 -0.35 13.45
N ASN B 259 17.06 -1.07 13.53
CA ASN B 259 17.06 -2.44 13.99
C ASN B 259 16.06 -3.31 13.26
N GLY B 260 16.04 -3.19 11.95
CA GLY B 260 15.20 -4.06 11.13
C GLY B 260 14.17 -3.42 10.23
N GLY B 261 14.13 -2.08 10.22
CA GLY B 261 13.19 -1.38 9.36
C GLY B 261 12.42 -0.37 10.14
N VAL B 262 12.04 0.73 9.52
CA VAL B 262 11.20 1.72 10.22
C VAL B 262 9.71 1.35 10.27
N ASP B 263 8.94 1.95 11.15
CA ASP B 263 7.53 1.75 11.19
C ASP B 263 6.80 2.51 10.04
N PHE B 264 7.26 3.73 9.76
CA PHE B 264 6.61 4.60 8.81
C PHE B 264 7.67 5.31 7.99
N SER B 265 7.57 5.28 6.67
CA SER B 265 8.48 6.05 5.80
C SER B 265 7.65 6.91 4.89
N PHE B 266 8.22 8.03 4.52
CA PHE B 266 7.52 9.00 3.71
C PHE B 266 8.44 9.43 2.58
N GLU B 267 7.96 9.39 1.34
CA GLU B 267 8.72 9.94 0.21
C GLU B 267 8.13 11.32 -0.02
N VAL B 268 8.95 12.34 0.23
CA VAL B 268 8.52 13.71 0.07
C VAL B 268 9.47 14.48 -0.85
N ILE B 269 9.82 13.88 -1.97
CA ILE B 269 10.77 14.45 -2.94
C ILE B 269 10.17 14.50 -4.36
N GLY B 270 9.68 13.35 -4.79
CA GLY B 270 9.11 13.17 -6.11
C GLY B 270 10.00 12.39 -7.05
N ARG B 271 10.78 11.46 -6.55
CA ARG B 271 11.71 10.73 -7.39
C ARG B 271 11.33 9.29 -7.38
N LEU B 272 11.37 8.63 -8.55
CA LEU B 272 10.99 7.24 -8.57
C LEU B 272 11.90 6.37 -7.71
N ASP B 273 13.20 6.61 -7.77
CA ASP B 273 14.14 5.79 -7.00
C ASP B 273 13.95 5.93 -5.46
N THR B 274 13.66 7.13 -4.98
CA THR B 274 13.46 7.28 -3.56
C THR B 274 12.10 6.76 -3.13
N MET B 275 11.14 6.66 -4.03
CA MET B 275 9.91 5.99 -3.63
C MET B 275 10.19 4.53 -3.31
N VAL B 276 10.94 3.86 -4.15
CA VAL B 276 11.18 2.46 -3.90
C VAL B 276 12.04 2.29 -2.69
N THR B 277 13.05 3.15 -2.55
CA THR B 277 13.96 3.13 -1.41
C THR B 277 13.17 3.37 -0.11
N ALA B 278 12.28 4.35 -0.10
CA ALA B 278 11.46 4.56 1.11
C ALA B 278 10.57 3.31 1.45
N LEU B 279 10.01 2.64 0.46
CA LEU B 279 9.25 1.45 0.70
C LEU B 279 10.15 0.39 1.34
N SER B 280 11.33 0.21 0.77
CA SER B 280 12.20 -0.84 1.22
C SER B 280 12.68 -0.62 2.63
N CYS B 281 12.89 0.62 3.01
CA CYS B 281 13.36 0.90 4.34
C CYS B 281 12.32 0.72 5.45
N CYS B 282 11.04 0.53 5.13
CA CYS B 282 10.09 0.24 6.22
C CYS B 282 10.11 -1.29 6.56
N GLN B 283 9.79 -1.63 7.80
CA GLN B 283 9.85 -3.01 8.30
C GLN B 283 9.03 -3.92 7.37
N GLU B 284 9.65 -5.02 6.97
CA GLU B 284 9.07 -5.88 5.93
C GLU B 284 7.70 -6.51 6.25
N ALA B 285 7.41 -6.69 7.53
CA ALA B 285 6.22 -7.38 7.99
C ALA B 285 5.05 -6.42 8.32
N TYR B 286 5.36 -5.20 8.77
CA TYR B 286 4.34 -4.26 9.22
C TYR B 286 4.58 -2.80 8.90
N GLY B 287 5.67 -2.50 8.18
CA GLY B 287 5.97 -1.14 7.80
C GLY B 287 4.93 -0.55 6.86
N VAL B 288 4.86 0.76 6.89
CA VAL B 288 3.95 1.50 6.02
C VAL B 288 4.75 2.62 5.38
N SER B 289 4.62 2.77 4.08
CA SER B 289 5.32 3.82 3.36
C SER B 289 4.33 4.63 2.61
N VAL B 290 4.47 5.93 2.75
CA VAL B 290 3.54 6.87 2.12
C VAL B 290 4.25 7.72 1.05
N ILE B 291 3.69 7.72 -0.18
CA ILE B 291 4.23 8.55 -1.23
C ILE B 291 3.61 9.90 -1.19
N VAL B 292 4.40 10.96 -1.04
CA VAL B 292 3.86 12.33 -1.02
C VAL B 292 4.35 13.15 -2.21
N GLY B 293 5.59 12.89 -2.60
CA GLY B 293 6.22 13.58 -3.70
C GLY B 293 5.47 13.25 -4.99
N VAL B 294 5.34 14.24 -5.84
CA VAL B 294 4.70 14.02 -7.11
C VAL B 294 5.78 13.58 -8.07
N PRO B 295 5.62 12.43 -8.68
CA PRO B 295 6.60 11.89 -9.60
C PRO B 295 6.53 12.58 -10.98
N PRO B 296 7.58 12.43 -11.79
CA PRO B 296 7.62 13.01 -13.13
C PRO B 296 6.59 12.33 -14.02
N ASP B 297 5.96 13.14 -14.85
CA ASP B 297 4.89 12.73 -15.71
C ASP B 297 5.23 11.51 -16.54
N SER B 298 4.34 10.51 -16.50
CA SER B 298 4.38 9.31 -17.34
C SER B 298 5.59 8.39 -17.17
N GLN B 299 6.20 8.42 -16.00
CA GLN B 299 7.36 7.58 -15.76
C GLN B 299 6.89 6.50 -14.80
N ASN B 300 7.19 5.25 -15.12
CA ASN B 300 6.83 4.13 -14.29
C ASN B 300 7.99 3.79 -13.39
N LEU B 301 7.74 3.33 -12.16
CA LEU B 301 8.83 2.81 -11.33
C LEU B 301 8.91 1.29 -11.46
N SER B 302 10.06 0.74 -11.09
CA SER B 302 10.27 -0.69 -11.12
C SER B 302 10.48 -1.15 -9.71
N MET B 303 9.79 -2.22 -9.33
CA MET B 303 9.88 -2.68 -7.96
C MET B 303 9.57 -4.17 -7.85
N ASN B 304 10.16 -4.79 -6.86
CA ASN B 304 9.94 -6.19 -6.55
C ASN B 304 8.75 -6.35 -5.64
N PRO B 305 7.70 -7.00 -6.11
CA PRO B 305 6.48 -7.16 -5.32
C PRO B 305 6.66 -7.97 -4.04
N MET B 306 7.77 -8.69 -3.85
CA MET B 306 8.01 -9.37 -2.59
C MET B 306 8.10 -8.36 -1.44
N LEU B 307 8.40 -7.12 -1.78
CA LEU B 307 8.48 -6.08 -0.75
C LEU B 307 7.11 -5.89 -0.12
N LEU B 308 6.05 -6.05 -0.90
CA LEU B 308 4.69 -6.00 -0.40
C LEU B 308 4.20 -7.33 0.16
N LEU B 309 4.53 -8.47 -0.44
CA LEU B 309 4.03 -9.74 0.03
C LEU B 309 4.34 -10.07 1.49
N SER B 310 5.48 -9.59 1.97
CA SER B 310 5.88 -9.86 3.30
C SER B 310 5.01 -9.14 4.30
N GLY B 311 4.32 -8.09 3.89
CA GLY B 311 3.44 -7.40 4.81
C GLY B 311 3.40 -5.90 4.75
N ARG B 312 4.29 -5.28 3.99
CA ARG B 312 4.37 -3.85 3.86
C ARG B 312 3.14 -3.28 3.18
N THR B 313 2.86 -2.05 3.56
CA THR B 313 1.73 -1.32 3.03
C THR B 313 2.32 -0.10 2.34
N TRP B 314 1.87 0.17 1.11
CA TRP B 314 2.32 1.33 0.35
C TRP B 314 1.11 2.11 -0.04
N LYS B 315 1.15 3.37 0.25
CA LYS B 315 0.07 4.24 -0.17
C LYS B 315 0.53 5.61 -0.51
N GLY B 316 -0.34 6.42 -1.10
CA GLY B 316 0.01 7.81 -1.35
C GLY B 316 -1.19 8.64 -1.00
N ALA B 317 -1.07 9.93 -1.07
CA ALA B 317 -2.25 10.79 -0.89
C ALA B 317 -2.02 12.16 -1.47
N ILE B 318 -3.11 12.83 -1.75
CA ILE B 318 -3.06 14.20 -2.20
C ILE B 318 -3.50 15.00 -0.99
N PHE B 319 -2.80 16.07 -0.71
CA PHE B 319 -3.26 17.02 0.32
C PHE B 319 -3.42 16.37 1.67
N GLY B 320 -2.52 15.45 1.99
CA GLY B 320 -2.53 14.91 3.34
C GLY B 320 -3.71 14.05 3.70
N GLY B 321 -4.50 13.61 2.69
CA GLY B 321 -5.74 12.92 2.92
C GLY B 321 -6.90 13.74 3.50
N PHE B 322 -6.68 15.01 3.75
CA PHE B 322 -7.70 15.90 4.25
C PHE B 322 -8.79 16.20 3.20
N LYS B 323 -10.05 16.00 3.59
CA LYS B 323 -11.15 16.47 2.79
C LYS B 323 -11.01 18.02 2.89
N SER B 324 -10.82 18.64 1.73
CA SER B 324 -10.27 19.97 1.70
C SER B 324 -11.15 21.07 2.37
N LYS B 325 -12.40 21.16 1.92
CA LYS B 325 -13.26 22.27 2.34
C LYS B 325 -13.63 22.15 3.83
N ASP B 326 -13.84 20.92 4.28
CA ASP B 326 -13.99 20.60 5.68
C ASP B 326 -12.76 20.85 6.59
N SER B 327 -11.56 20.51 6.14
CA SER B 327 -10.40 20.52 7.03
C SER B 327 -9.67 21.84 7.13
N VAL B 328 -9.56 22.54 6.01
CA VAL B 328 -8.80 23.78 5.97
C VAL B 328 -9.23 24.82 7.03
N PRO B 329 -10.51 25.09 7.22
CA PRO B 329 -10.90 26.05 8.25
C PRO B 329 -10.54 25.51 9.62
N LYS B 330 -10.68 24.19 9.82
CA LYS B 330 -10.29 23.60 11.09
C LYS B 330 -8.79 23.75 11.30
N LEU B 331 -8.00 23.51 10.27
CA LEU B 331 -6.57 23.64 10.40
C LEU B 331 -6.19 25.07 10.72
N VAL B 332 -6.84 26.03 10.09
CA VAL B 332 -6.59 27.42 10.44
C VAL B 332 -6.98 27.71 11.89
N ALA B 333 -8.14 27.24 12.33
CA ALA B 333 -8.57 27.41 13.74
C ALA B 333 -7.51 26.83 14.67
N ASP B 334 -7.02 25.66 14.33
CA ASP B 334 -5.98 25.03 15.12
C ASP B 334 -4.69 25.87 15.13
N PHE B 335 -4.33 26.44 13.98
CA PHE B 335 -3.17 27.33 13.94
C PHE B 335 -3.40 28.52 14.87
N MET B 336 -4.57 29.09 14.85
CA MET B 336 -4.83 30.26 15.69
C MET B 336 -4.76 29.87 17.17
N ALA B 337 -5.04 28.59 17.45
CA ALA B 337 -4.96 28.04 18.79
C ALA B 337 -3.57 27.54 19.15
N LYS B 338 -2.58 27.86 18.32
CA LYS B 338 -1.19 27.47 18.54
C LYS B 338 -0.95 25.95 18.67
N LYS B 339 -1.74 25.16 17.98
CA LYS B 339 -1.59 23.72 18.01
C LYS B 339 -0.46 23.23 17.15
N PHE B 340 -0.04 24.04 16.16
CA PHE B 340 1.15 23.78 15.36
C PHE B 340 1.75 25.11 14.97
N ALA B 341 2.97 25.10 14.47
CA ALA B 341 3.70 26.28 14.03
C ALA B 341 3.92 26.32 12.51
N LEU B 342 3.86 27.49 11.90
CA LEU B 342 4.11 27.61 10.46
C LEU B 342 5.37 28.40 10.16
N ASP B 343 5.75 29.32 11.08
CA ASP B 343 6.97 30.09 10.89
C ASP B 343 8.20 29.28 10.52
N PRO B 344 8.41 28.11 11.10
CA PRO B 344 9.56 27.30 10.71
C PRO B 344 9.64 27.00 9.21
N LEU B 345 8.52 26.99 8.53
CA LEU B 345 8.51 26.65 7.11
C LEU B 345 8.80 27.83 6.22
N ILE B 346 8.68 29.03 6.76
CA ILE B 346 8.82 30.22 5.90
C ILE B 346 10.21 30.78 6.02
N THR B 347 10.96 30.84 4.96
CA THR B 347 12.31 31.34 5.08
C THR B 347 12.49 32.70 4.36
N HIS B 348 11.58 33.04 3.45
CA HIS B 348 11.70 34.22 2.61
C HIS B 348 10.33 34.81 2.39
N VAL B 349 10.22 36.13 2.40
CA VAL B 349 8.94 36.74 2.12
C VAL B 349 9.23 37.87 1.15
N LEU B 350 8.63 37.80 -0.04
CA LEU B 350 8.90 38.70 -1.13
C LEU B 350 7.64 39.30 -1.72
N PRO B 351 7.76 40.48 -2.29
CA PRO B 351 6.59 41.04 -2.96
C PRO B 351 6.32 40.19 -4.22
N PHE B 352 5.06 40.11 -4.60
CA PHE B 352 4.67 39.30 -5.76
C PHE B 352 5.51 39.58 -7.01
N GLU B 353 5.83 40.86 -7.21
CA GLU B 353 6.63 41.32 -8.35
C GLU B 353 7.99 40.58 -8.50
N LYS B 354 8.47 39.95 -7.42
CA LYS B 354 9.74 39.22 -7.39
C LYS B 354 9.54 37.69 -7.50
N ILE B 355 8.41 37.30 -8.07
CA ILE B 355 8.11 35.86 -8.22
C ILE B 355 9.29 35.09 -8.81
N ASN B 356 9.89 35.64 -9.84
CA ASN B 356 10.98 34.90 -10.49
C ASN B 356 12.17 34.73 -9.56
N GLU B 357 12.44 35.73 -8.74
CA GLU B 357 13.50 35.62 -7.76
C GLU B 357 13.14 34.54 -6.77
N GLY B 358 11.86 34.48 -6.43
CA GLY B 358 11.36 33.51 -5.50
C GLY B 358 11.63 32.12 -6.03
N PHE B 359 11.45 31.95 -7.32
CA PHE B 359 11.60 30.61 -7.88
C PHE B 359 13.07 30.24 -7.90
N ASP B 360 13.90 31.23 -8.19
CA ASP B 360 15.34 31.01 -8.17
C ASP B 360 15.77 30.55 -6.75
N LEU B 361 15.19 31.13 -5.69
CA LEU B 361 15.55 30.69 -4.36
C LEU B 361 15.21 29.18 -4.19
N LEU B 362 14.10 28.76 -4.77
CA LEU B 362 13.68 27.40 -4.59
C LEU B 362 14.64 26.46 -5.33
N ARG B 363 14.97 26.80 -6.55
CA ARG B 363 15.77 25.94 -7.42
C ARG B 363 17.18 25.75 -6.93
N SER B 364 17.68 26.79 -6.28
CA SER B 364 19.02 26.78 -5.78
C SER B 364 19.09 26.09 -4.43
N GLY B 365 17.94 25.79 -3.84
CA GLY B 365 17.92 25.17 -2.53
C GLY B 365 18.08 26.11 -1.34
N GLU B 366 18.10 27.42 -1.60
CA GLU B 366 18.27 28.40 -0.54
C GLU B 366 17.03 28.58 0.32
N SER B 367 15.84 28.43 -0.25
CA SER B 367 14.65 28.62 0.54
C SER B 367 13.94 27.31 0.87
N ILE B 368 13.15 27.34 1.93
CA ILE B 368 12.17 26.30 2.22
C ILE B 368 10.85 26.78 1.57
N ARG B 369 10.13 27.71 2.17
CA ARG B 369 9.00 28.31 1.51
C ARG B 369 9.28 29.80 1.42
N THR B 370 9.04 30.35 0.24
CA THR B 370 8.98 31.78 0.05
C THR B 370 7.50 32.13 -0.09
N ILE B 371 7.09 33.15 0.64
CA ILE B 371 5.75 33.63 0.54
C ILE B 371 5.80 34.95 -0.24
N LEU B 372 4.96 35.05 -1.24
CA LEU B 372 4.81 36.26 -2.03
C LEU B 372 3.67 37.05 -1.54
N THR B 373 3.86 38.35 -1.35
CA THR B 373 2.76 39.18 -0.90
C THR B 373 2.33 40.13 -2.02
N PHE B 374 1.03 40.38 -2.12
CA PHE B 374 0.50 41.21 -3.21
C PHE B 374 0.38 42.68 -2.92
#